data_2L2N
#
_entry.id   2L2N
#
_entity_poly.entity_id   1
_entity_poly.type   'polypeptide(L)'
_entity_poly.pdbx_seq_one_letter_code
;GHMMTSTDVSSGVSNCYVFKSRLQEYAQKYKLPTPVYEIVKEGPSHKSLFQSTVILDGVRYNSLPGFFNRKAAEQSAAEV
ALRELAKSSELSQCVSQPVHETG
;
_entity_poly.pdbx_strand_id   A
#
# COMPACT_ATOMS: atom_id res chain seq x y z
N PHE A 19 -4.35 -2.38 1.61
CA PHE A 19 -5.10 -3.26 0.73
C PHE A 19 -6.40 -3.73 1.38
N LYS A 20 -6.49 -3.54 2.69
CA LYS A 20 -7.64 -4.03 3.45
C LYS A 20 -8.92 -3.34 3.01
N SER A 21 -9.98 -4.12 2.83
CA SER A 21 -11.25 -3.60 2.32
C SER A 21 -11.54 -4.13 0.92
N ARG A 22 -11.77 -3.22 -0.01
CA ARG A 22 -12.16 -3.59 -1.37
C ARG A 22 -11.04 -4.35 -2.07
N LEU A 23 -9.82 -3.83 -1.96
CA LEU A 23 -8.67 -4.41 -2.65
C LEU A 23 -8.36 -5.80 -2.10
N GLN A 24 -8.56 -5.98 -0.80
CA GLN A 24 -8.40 -7.28 -0.17
C GLN A 24 -9.39 -8.29 -0.73
N GLU A 25 -10.66 -7.88 -0.80
CA GLU A 25 -11.71 -8.74 -1.34
C GLU A 25 -11.46 -9.04 -2.81
N TYR A 26 -10.91 -8.07 -3.53
CA TYR A 26 -10.55 -8.26 -4.93
C TYR A 26 -9.50 -9.35 -5.08
N ALA A 27 -8.43 -9.24 -4.30
CA ALA A 27 -7.36 -10.24 -4.33
C ALA A 27 -7.90 -11.63 -4.05
N GLN A 28 -8.83 -11.73 -3.11
CA GLN A 28 -9.45 -13.00 -2.78
C GLN A 28 -10.23 -13.55 -3.97
N LYS A 29 -11.02 -12.69 -4.61
CA LYS A 29 -11.78 -13.09 -5.79
C LYS A 29 -10.86 -13.43 -6.96
N TYR A 30 -9.68 -12.83 -6.96
CA TYR A 30 -8.70 -13.09 -8.02
C TYR A 30 -7.83 -14.29 -7.69
N LYS A 31 -8.13 -14.94 -6.57
CA LYS A 31 -7.35 -16.08 -6.12
C LYS A 31 -5.86 -15.73 -6.02
N LEU A 32 -5.58 -14.50 -5.61
CA LEU A 32 -4.20 -14.05 -5.44
C LEU A 32 -3.75 -14.21 -4.00
N PRO A 33 -2.45 -14.40 -3.80
CA PRO A 33 -1.88 -14.53 -2.47
C PRO A 33 -2.17 -13.28 -1.64
N THR A 34 -2.48 -13.50 -0.36
CA THR A 34 -2.80 -12.40 0.55
C THR A 34 -1.74 -11.31 0.49
N PRO A 35 -2.16 -10.11 0.14
CA PRO A 35 -1.23 -8.99 -0.01
C PRO A 35 -0.40 -8.78 1.24
N VAL A 36 0.89 -8.52 1.06
CA VAL A 36 1.80 -8.29 2.19
C VAL A 36 1.99 -6.80 2.43
N TYR A 37 1.66 -6.35 3.63
CA TYR A 37 1.83 -4.95 4.00
C TYR A 37 3.13 -4.74 4.78
N GLU A 38 4.00 -3.89 4.25
CA GLU A 38 5.21 -3.50 4.96
C GLU A 38 5.22 -2.00 5.24
N ILE A 39 5.73 -1.63 6.41
CA ILE A 39 5.79 -0.23 6.82
C ILE A 39 7.22 0.22 7.07
N VAL A 40 7.61 1.31 6.41
CA VAL A 40 8.95 1.86 6.57
C VAL A 40 8.91 3.24 7.19
N LYS A 41 9.60 3.41 8.32
CA LYS A 41 9.66 4.71 9.00
C LYS A 41 11.10 5.21 9.08
N GLU A 42 11.32 6.41 8.54
CA GLU A 42 12.66 6.99 8.49
C GLU A 42 12.65 8.44 8.93
N GLY A 43 13.84 9.00 9.15
CA GLY A 43 13.98 10.41 9.47
C GLY A 43 14.03 10.62 10.98
N PRO A 44 14.18 11.87 11.40
CA PRO A 44 14.27 12.22 12.81
C PRO A 44 13.03 11.76 13.56
N SER A 45 13.14 11.67 14.89
CA SER A 45 12.02 11.26 15.72
C SER A 45 10.97 12.36 15.80
N HIS A 46 11.37 13.59 15.47
CA HIS A 46 10.46 14.73 15.53
C HIS A 46 10.03 15.16 14.13
N LYS A 47 10.72 14.65 13.12
CA LYS A 47 10.36 14.91 11.73
C LYS A 47 10.40 13.63 10.90
N SER A 48 9.62 12.64 11.32
CA SER A 48 9.67 11.32 10.70
C SER A 48 8.79 11.25 9.46
N LEU A 49 9.15 10.36 8.54
CA LEU A 49 8.34 10.12 7.35
C LEU A 49 7.92 8.66 7.26
N PHE A 50 6.67 8.44 6.86
CA PHE A 50 6.15 7.08 6.73
C PHE A 50 6.02 6.67 5.27
N GLN A 51 6.35 5.42 5.00
CA GLN A 51 6.16 4.84 3.66
C GLN A 51 5.55 3.45 3.73
N SER A 52 4.49 3.24 2.95
CA SER A 52 3.78 1.97 2.97
C SER A 52 4.00 1.21 1.66
N THR A 53 4.33 -0.07 1.78
CA THR A 53 4.52 -0.92 0.61
C THR A 53 3.56 -2.12 0.64
N VAL A 54 2.72 -2.22 -0.39
CA VAL A 54 1.83 -3.36 -0.52
C VAL A 54 2.28 -4.27 -1.65
N ILE A 55 2.64 -5.50 -1.31
CA ILE A 55 3.11 -6.47 -2.29
C ILE A 55 2.05 -7.53 -2.57
N LEU A 56 1.62 -7.61 -3.83
CA LEU A 56 0.60 -8.56 -4.24
C LEU A 56 1.01 -9.34 -5.48
N ASP A 57 1.17 -10.64 -5.33
CA ASP A 57 1.51 -11.51 -6.45
C ASP A 57 2.78 -11.04 -7.13
N GLY A 58 3.76 -10.63 -6.34
CA GLY A 58 5.07 -10.24 -6.85
C GLY A 58 5.07 -8.78 -7.28
N VAL A 59 3.88 -8.19 -7.39
CA VAL A 59 3.75 -6.80 -7.83
C VAL A 59 3.77 -5.85 -6.65
N ARG A 60 4.71 -4.90 -6.67
CA ARG A 60 4.93 -4.02 -5.54
C ARG A 60 4.24 -2.67 -5.73
N TYR A 61 3.50 -2.24 -4.72
CA TYR A 61 2.85 -0.94 -4.75
C TYR A 61 3.39 -0.04 -3.64
N ASN A 62 4.22 0.93 -4.02
CA ASN A 62 4.81 1.85 -3.06
C ASN A 62 3.98 3.12 -2.95
N SER A 63 3.77 3.58 -1.71
CA SER A 63 3.04 4.81 -1.46
C SER A 63 3.89 6.03 -1.82
N LEU A 64 3.27 7.21 -1.74
CA LEU A 64 3.99 8.45 -1.98
C LEU A 64 4.76 8.88 -0.74
N PRO A 65 5.88 9.57 -0.96
CA PRO A 65 6.72 10.05 0.13
C PRO A 65 6.15 11.35 0.70
N GLY A 66 6.60 11.71 1.90
CA GLY A 66 6.30 13.01 2.49
C GLY A 66 5.06 12.93 3.37
N PHE A 67 4.81 11.74 3.93
CA PHE A 67 3.70 11.55 4.86
C PHE A 67 4.20 11.52 6.30
N PHE A 68 3.45 12.16 7.19
CA PHE A 68 3.81 12.21 8.60
C PHE A 68 2.86 11.39 9.45
N ASN A 69 2.24 10.39 8.82
CA ASN A 69 1.28 9.54 9.51
C ASN A 69 1.18 8.17 8.86
N ARG A 70 1.16 7.13 9.69
CA ARG A 70 1.12 5.75 9.19
C ARG A 70 -0.14 5.50 8.37
N LYS A 71 -1.26 6.03 8.84
CA LYS A 71 -2.54 5.88 8.16
C LYS A 71 -2.51 6.55 6.80
N ALA A 72 -1.94 7.74 6.74
CA ALA A 72 -1.84 8.49 5.50
C ALA A 72 -1.05 7.73 4.44
N ALA A 73 0.08 7.18 4.86
CA ALA A 73 0.92 6.39 3.96
C ALA A 73 0.21 5.13 3.49
N GLU A 74 -0.50 4.48 4.41
CA GLU A 74 -1.22 3.26 4.10
C GLU A 74 -2.29 3.50 3.04
N GLN A 75 -3.05 4.57 3.22
CA GLN A 75 -4.09 4.94 2.26
C GLN A 75 -3.50 5.22 0.88
N SER A 76 -2.39 5.94 0.85
CA SER A 76 -1.68 6.21 -0.39
C SER A 76 -1.29 4.92 -1.10
N ALA A 77 -0.75 3.98 -0.34
CA ALA A 77 -0.38 2.68 -0.89
C ALA A 77 -1.58 1.98 -1.52
N ALA A 78 -2.71 2.01 -0.82
CA ALA A 78 -3.95 1.41 -1.32
C ALA A 78 -4.40 2.09 -2.60
N GLU A 79 -4.29 3.41 -2.64
CA GLU A 79 -4.67 4.18 -3.82
C GLU A 79 -3.84 3.78 -5.04
N VAL A 80 -2.53 3.58 -4.83
CA VAL A 80 -1.64 3.14 -5.89
C VAL A 80 -2.06 1.78 -6.43
N ALA A 81 -2.35 0.85 -5.53
CA ALA A 81 -2.80 -0.48 -5.92
C ALA A 81 -4.10 -0.43 -6.71
N LEU A 82 -5.01 0.44 -6.28
CA LEU A 82 -6.31 0.55 -6.92
C LEU A 82 -6.19 1.17 -8.31
N ARG A 83 -5.35 2.19 -8.42
CA ARG A 83 -5.12 2.86 -9.70
C ARG A 83 -4.49 1.91 -10.71
N GLU A 84 -3.51 1.14 -10.26
CA GLU A 84 -2.83 0.17 -11.11
C GLU A 84 -3.77 -0.97 -11.49
N LEU A 85 -4.73 -1.26 -10.62
CA LEU A 85 -5.76 -2.25 -10.91
C LEU A 85 -6.69 -1.76 -12.01
N ALA A 86 -7.07 -0.49 -11.93
CA ALA A 86 -7.92 0.13 -12.96
C ALA A 86 -7.20 0.17 -14.30
N LYS A 87 -5.89 0.37 -14.26
CA LYS A 87 -5.08 0.37 -15.48
C LYS A 87 -5.04 -1.01 -16.12
N SER A 88 -4.92 -2.04 -15.29
CA SER A 88 -4.86 -3.41 -15.77
C SER A 88 -6.25 -3.94 -16.12
N SER A 89 -7.27 -3.30 -15.57
CA SER A 89 -8.65 -3.68 -15.84
C SER A 89 -8.98 -3.54 -17.32
N PHE A 19 -6.65 -0.35 1.41
CA PHE A 19 -6.47 -1.66 0.78
C PHE A 19 -6.87 -2.78 1.73
N LYS A 20 -6.86 -2.49 3.02
CA LYS A 20 -7.24 -3.47 4.03
C LYS A 20 -8.70 -3.87 3.88
N SER A 21 -8.97 -5.17 3.98
CA SER A 21 -10.33 -5.68 3.86
C SER A 21 -10.81 -5.66 2.42
N ARG A 22 -11.03 -4.46 1.89
CA ARG A 22 -11.62 -4.31 0.57
C ARG A 22 -10.74 -4.93 -0.50
N LEU A 23 -9.60 -4.32 -0.75
CA LEU A 23 -8.72 -4.74 -1.84
C LEU A 23 -8.09 -6.09 -1.55
N GLN A 24 -7.90 -6.38 -0.27
CA GLN A 24 -7.46 -7.70 0.16
C GLN A 24 -8.47 -8.78 -0.25
N GLU A 25 -9.75 -8.49 -0.02
CA GLU A 25 -10.82 -9.40 -0.42
C GLU A 25 -10.88 -9.55 -1.93
N TYR A 26 -10.65 -8.46 -2.64
CA TYR A 26 -10.60 -8.48 -4.10
C TYR A 26 -9.48 -9.38 -4.60
N ALA A 27 -8.31 -9.26 -3.96
CA ALA A 27 -7.17 -10.12 -4.28
C ALA A 27 -7.54 -11.58 -4.17
N GLN A 28 -8.31 -11.93 -3.14
CA GLN A 28 -8.78 -13.29 -2.96
C GLN A 28 -9.73 -13.70 -4.08
N LYS A 29 -10.60 -12.78 -4.47
CA LYS A 29 -11.50 -13.01 -5.60
C LYS A 29 -10.73 -13.15 -6.90
N TYR A 30 -9.54 -12.56 -6.95
CA TYR A 30 -8.70 -12.62 -8.13
C TYR A 30 -7.76 -13.83 -8.07
N LYS A 31 -7.97 -14.69 -7.08
CA LYS A 31 -7.13 -15.86 -6.89
C LYS A 31 -5.66 -15.47 -6.75
N LEU A 32 -5.41 -14.36 -6.05
CA LEU A 32 -4.05 -13.91 -5.80
C LEU A 32 -3.57 -14.33 -4.43
N PRO A 33 -2.25 -14.33 -4.24
CA PRO A 33 -1.66 -14.69 -2.95
C PRO A 33 -1.96 -13.64 -1.90
N THR A 34 -1.91 -14.05 -0.62
CA THR A 34 -2.19 -13.15 0.48
C THR A 34 -1.33 -11.90 0.42
N PRO A 35 -1.97 -10.74 0.40
CA PRO A 35 -1.24 -9.47 0.31
C PRO A 35 -0.31 -9.29 1.50
N VAL A 36 0.83 -8.67 1.26
CA VAL A 36 1.80 -8.40 2.32
C VAL A 36 1.94 -6.90 2.57
N TYR A 37 1.69 -6.50 3.80
CA TYR A 37 1.76 -5.08 4.18
C TYR A 37 2.96 -4.81 5.08
N GLU A 38 3.94 -4.09 4.55
CA GLU A 38 5.11 -3.69 5.33
C GLU A 38 5.08 -2.21 5.64
N ILE A 39 5.56 -1.84 6.82
CA ILE A 39 5.59 -0.45 7.25
C ILE A 39 7.01 0.09 7.30
N VAL A 40 7.28 1.14 6.53
CA VAL A 40 8.62 1.69 6.43
C VAL A 40 8.73 2.98 7.22
N LYS A 41 9.64 3.00 8.20
CA LYS A 41 9.90 4.19 9.00
C LYS A 41 11.34 4.65 8.85
N GLU A 42 11.53 5.89 8.44
CA GLU A 42 12.86 6.43 8.21
C GLU A 42 12.90 7.94 8.47
N GLY A 43 14.11 8.48 8.58
CA GLY A 43 14.29 9.91 8.81
C GLY A 43 14.69 10.19 10.25
N PRO A 44 14.78 11.48 10.59
CA PRO A 44 15.19 11.89 11.92
C PRO A 44 14.15 11.50 12.97
N SER A 45 14.60 11.35 14.21
CA SER A 45 13.71 11.00 15.31
C SER A 45 12.74 12.13 15.61
N HIS A 46 13.06 13.34 15.13
CA HIS A 46 12.21 14.50 15.35
C HIS A 46 11.08 14.55 14.31
N LYS A 47 11.44 14.35 13.06
CA LYS A 47 10.46 14.36 11.97
C LYS A 47 10.66 13.19 11.03
N SER A 48 10.27 12.00 11.48
CA SER A 48 10.39 10.79 10.67
C SER A 48 9.25 10.69 9.66
N LEU A 49 9.50 9.99 8.56
CA LEU A 49 8.49 9.78 7.53
C LEU A 49 7.95 8.35 7.58
N PHE A 50 6.65 8.20 7.35
CA PHE A 50 6.00 6.89 7.39
C PHE A 50 5.47 6.51 6.02
N GLN A 51 5.98 5.41 5.48
CA GLN A 51 5.55 4.92 4.17
C GLN A 51 4.93 3.54 4.26
N SER A 52 4.00 3.25 3.36
CA SER A 52 3.35 1.95 3.32
C SER A 52 3.73 1.17 2.07
N THR A 53 4.09 -0.10 2.27
CA THR A 53 4.44 -0.97 1.15
C THR A 53 3.50 -2.16 1.07
N VAL A 54 2.81 -2.29 -0.06
CA VAL A 54 1.86 -3.38 -0.27
C VAL A 54 2.29 -4.27 -1.43
N ILE A 55 2.63 -5.52 -1.11
CA ILE A 55 3.08 -6.46 -2.13
C ILE A 55 2.01 -7.50 -2.43
N LEU A 56 1.58 -7.56 -3.68
CA LEU A 56 0.54 -8.50 -4.09
C LEU A 56 0.89 -9.17 -5.41
N ASP A 57 1.07 -10.49 -5.37
CA ASP A 57 1.38 -11.25 -6.56
C ASP A 57 2.61 -10.70 -7.27
N GLY A 58 3.60 -10.28 -6.49
CA GLY A 58 4.88 -9.85 -7.04
C GLY A 58 4.82 -8.40 -7.50
N VAL A 59 3.70 -7.75 -7.22
CA VAL A 59 3.51 -6.35 -7.58
C VAL A 59 3.56 -5.45 -6.35
N ARG A 60 4.59 -4.61 -6.27
CA ARG A 60 4.81 -3.78 -5.10
C ARG A 60 4.19 -2.40 -5.28
N TYR A 61 3.32 -2.02 -4.35
CA TYR A 61 2.71 -0.69 -4.37
C TYR A 61 3.37 0.22 -3.32
N ASN A 62 3.74 1.41 -3.76
CA ASN A 62 4.49 2.34 -2.90
C ASN A 62 3.68 3.59 -2.61
N SER A 63 3.45 3.85 -1.32
CA SER A 63 2.74 5.05 -0.91
C SER A 63 3.54 6.31 -1.24
N LEU A 64 2.90 7.46 -1.07
CA LEU A 64 3.56 8.74 -1.34
C LEU A 64 4.49 9.13 -0.20
N PRO A 65 5.65 9.68 -0.55
CA PRO A 65 6.64 10.10 0.44
C PRO A 65 6.27 11.45 1.03
N GLY A 66 6.89 11.77 2.16
CA GLY A 66 6.71 13.08 2.79
C GLY A 66 5.58 13.03 3.82
N PHE A 67 4.96 11.88 3.95
CA PHE A 67 3.85 11.69 4.90
C PHE A 67 4.37 11.45 6.31
N PHE A 68 3.72 12.09 7.28
CA PHE A 68 4.10 11.93 8.68
C PHE A 68 3.10 11.05 9.42
N ASN A 69 2.20 10.43 8.67
CA ASN A 69 1.17 9.56 9.25
C ASN A 69 1.09 8.24 8.50
N ARG A 70 0.97 7.14 9.25
CA ARG A 70 0.80 5.82 8.67
C ARG A 70 -0.51 5.72 7.91
N LYS A 71 -1.57 6.31 8.47
CA LYS A 71 -2.88 6.30 7.83
C LYS A 71 -2.83 6.94 6.45
N ALA A 72 -2.21 8.11 6.37
CA ALA A 72 -2.07 8.82 5.11
C ALA A 72 -1.31 7.98 4.08
N ALA A 73 -0.26 7.30 4.53
CA ALA A 73 0.50 6.41 3.67
C ALA A 73 -0.37 5.28 3.15
N GLU A 74 -1.21 4.73 4.02
CA GLU A 74 -2.09 3.63 3.64
C GLU A 74 -3.11 4.08 2.61
N GLN A 75 -3.57 5.33 2.73
CA GLN A 75 -4.55 5.89 1.82
C GLN A 75 -3.99 5.99 0.41
N SER A 76 -2.76 6.50 0.31
CA SER A 76 -2.10 6.67 -0.99
C SER A 76 -1.63 5.34 -1.54
N ALA A 77 -1.31 4.40 -0.65
CA ALA A 77 -0.96 3.05 -1.04
C ALA A 77 -2.15 2.36 -1.71
N ALA A 78 -3.33 2.55 -1.16
CA ALA A 78 -4.56 2.03 -1.76
C ALA A 78 -4.84 2.71 -3.09
N GLU A 79 -4.58 4.01 -3.16
CA GLU A 79 -4.74 4.77 -4.39
C GLU A 79 -3.90 4.17 -5.52
N VAL A 80 -2.63 3.92 -5.24
CA VAL A 80 -1.72 3.35 -6.22
C VAL A 80 -2.20 1.97 -6.66
N ALA A 81 -2.67 1.17 -5.71
CA ALA A 81 -3.22 -0.14 -6.00
C ALA A 81 -4.42 -0.04 -6.95
N LEU A 82 -5.29 0.93 -6.68
CA LEU A 82 -6.47 1.15 -7.51
C LEU A 82 -6.08 1.61 -8.91
N ARG A 83 -5.08 2.48 -8.98
CA ARG A 83 -4.60 2.99 -10.25
C ARG A 83 -4.04 1.88 -11.12
N GLU A 84 -3.29 0.97 -10.52
CA GLU A 84 -2.71 -0.16 -11.23
C GLU A 84 -3.76 -1.19 -11.59
N LEU A 85 -4.79 -1.30 -10.75
CA LEU A 85 -5.92 -2.17 -11.03
C LEU A 85 -6.66 -1.73 -12.28
N ALA A 86 -6.90 -0.42 -12.40
CA ALA A 86 -7.54 0.14 -13.58
C ALA A 86 -6.72 -0.15 -14.84
N LYS A 87 -5.40 -0.17 -14.69
CA LYS A 87 -4.52 -0.46 -15.81
C LYS A 87 -4.61 -1.92 -16.22
N SER A 88 -4.90 -2.79 -15.26
CA SER A 88 -5.02 -4.22 -15.53
C SER A 88 -6.45 -4.59 -15.87
N SER A 89 -7.37 -3.66 -15.62
CA SER A 89 -8.78 -3.87 -15.93
C SER A 89 -9.04 -3.77 -17.43
N PHE A 19 -6.14 -1.57 0.82
CA PHE A 19 -6.16 -2.90 0.25
C PHE A 19 -7.07 -3.84 1.05
N LYS A 20 -7.22 -3.54 2.34
CA LYS A 20 -8.03 -4.37 3.22
C LYS A 20 -9.48 -4.43 2.73
N SER A 21 -10.04 -5.63 2.73
CA SER A 21 -11.38 -5.85 2.22
C SER A 21 -11.41 -5.81 0.69
N ARG A 22 -11.19 -4.61 0.14
CA ARG A 22 -11.27 -4.41 -1.31
C ARG A 22 -10.33 -5.35 -2.05
N LEU A 23 -9.03 -5.08 -1.93
CA LEU A 23 -8.03 -5.81 -2.71
C LEU A 23 -7.80 -7.21 -2.16
N GLN A 24 -8.01 -7.36 -0.86
CA GLN A 24 -8.00 -8.68 -0.24
C GLN A 24 -9.02 -9.60 -0.88
N GLU A 25 -10.24 -9.10 -1.05
CA GLU A 25 -11.32 -9.88 -1.66
C GLU A 25 -10.99 -10.22 -3.10
N TYR A 26 -10.46 -9.24 -3.83
CA TYR A 26 -10.07 -9.45 -5.23
C TYR A 26 -8.99 -10.52 -5.34
N ALA A 27 -8.01 -10.46 -4.44
CA ALA A 27 -6.96 -11.48 -4.39
C ALA A 27 -7.56 -12.88 -4.25
N GLN A 28 -8.49 -13.03 -3.32
CA GLN A 28 -9.15 -14.32 -3.10
C GLN A 28 -9.88 -14.77 -4.36
N LYS A 29 -10.52 -13.83 -5.04
CA LYS A 29 -11.21 -14.13 -6.29
C LYS A 29 -10.23 -14.61 -7.36
N TYR A 30 -8.99 -14.15 -7.27
CA TYR A 30 -7.96 -14.52 -8.23
C TYR A 30 -7.20 -15.75 -7.79
N LYS A 31 -7.65 -16.36 -6.70
CA LYS A 31 -6.95 -17.50 -6.12
C LYS A 31 -5.54 -17.12 -5.70
N LEU A 32 -5.35 -15.84 -5.37
CA LEU A 32 -4.05 -15.35 -4.92
C LEU A 32 -4.07 -15.04 -3.43
N PRO A 33 -2.89 -14.99 -2.83
CA PRO A 33 -2.75 -14.60 -1.43
C PRO A 33 -3.08 -13.13 -1.22
N THR A 34 -3.47 -12.78 0.00
CA THR A 34 -3.82 -11.39 0.31
C THR A 34 -2.58 -10.50 0.30
N PRO A 35 -2.79 -9.23 -0.03
CA PRO A 35 -1.69 -8.27 -0.13
C PRO A 35 -0.90 -8.22 1.16
N VAL A 36 0.41 -8.02 1.05
CA VAL A 36 1.28 -7.94 2.21
C VAL A 36 1.61 -6.49 2.57
N TYR A 37 1.26 -6.09 3.79
CA TYR A 37 1.46 -4.72 4.23
C TYR A 37 2.75 -4.59 5.03
N GLU A 38 3.60 -3.64 4.62
CA GLU A 38 4.82 -3.35 5.35
C GLU A 38 4.91 -1.86 5.70
N ILE A 39 5.57 -1.56 6.80
CA ILE A 39 5.69 -0.19 7.28
C ILE A 39 7.13 0.30 7.17
N VAL A 40 7.33 1.41 6.46
CA VAL A 40 8.64 2.01 6.31
C VAL A 40 8.73 3.33 7.08
N LYS A 41 9.67 3.38 8.04
CA LYS A 41 9.88 4.60 8.82
C LYS A 41 11.33 5.06 8.73
N GLU A 42 11.53 6.25 8.18
CA GLU A 42 12.87 6.78 7.96
C GLU A 42 13.03 8.15 8.61
N GLY A 43 14.27 8.47 8.99
CA GLY A 43 14.59 9.77 9.56
C GLY A 43 14.56 9.74 11.08
N PRO A 44 14.98 10.84 11.70
CA PRO A 44 15.00 10.94 13.15
C PRO A 44 13.59 11.01 13.72
N SER A 45 13.44 10.61 14.98
CA SER A 45 12.14 10.62 15.64
C SER A 45 11.58 12.03 15.73
N HIS A 46 12.44 13.02 15.58
CA HIS A 46 12.04 14.41 15.65
C HIS A 46 11.34 14.85 14.36
N LYS A 47 11.65 14.16 13.27
CA LYS A 47 11.08 14.49 11.96
C LYS A 47 11.07 13.28 11.05
N SER A 48 10.47 12.18 11.51
CA SER A 48 10.45 10.94 10.75
C SER A 48 9.39 10.98 9.66
N LEU A 49 9.64 10.26 8.58
CA LEU A 49 8.66 10.12 7.51
C LEU A 49 8.13 8.69 7.43
N PHE A 50 6.85 8.56 7.10
CA PHE A 50 6.20 7.26 7.04
C PHE A 50 5.81 6.89 5.61
N GLN A 51 6.08 5.66 5.22
CA GLN A 51 5.70 5.17 3.90
C GLN A 51 5.14 3.76 3.97
N SER A 52 3.97 3.55 3.38
CA SER A 52 3.32 2.25 3.38
C SER A 52 3.65 1.46 2.13
N THR A 53 3.86 0.15 2.30
CA THR A 53 4.16 -0.73 1.17
C THR A 53 3.17 -1.88 1.10
N VAL A 54 2.46 -1.97 -0.02
CA VAL A 54 1.54 -3.07 -0.27
C VAL A 54 2.01 -3.94 -1.43
N ILE A 55 2.33 -5.18 -1.14
CA ILE A 55 2.81 -6.11 -2.17
C ILE A 55 1.73 -7.13 -2.52
N LEU A 56 1.33 -7.13 -3.80
CA LEU A 56 0.28 -8.02 -4.27
C LEU A 56 0.57 -8.53 -5.67
N ASP A 57 0.60 -9.84 -5.83
CA ASP A 57 0.84 -10.45 -7.14
C ASP A 57 2.23 -10.10 -7.67
N GLY A 58 3.18 -9.97 -6.75
CA GLY A 58 4.56 -9.68 -7.13
C GLY A 58 4.73 -8.23 -7.55
N VAL A 59 3.70 -7.42 -7.29
CA VAL A 59 3.73 -6.01 -7.62
C VAL A 59 3.73 -5.15 -6.36
N ARG A 60 4.72 -4.27 -6.24
CA ARG A 60 4.90 -3.46 -5.04
C ARG A 60 4.26 -2.09 -5.20
N TYR A 61 3.40 -1.73 -4.27
CA TYR A 61 2.73 -0.44 -4.29
C TYR A 61 3.18 0.44 -3.12
N ASN A 62 4.06 1.39 -3.41
CA ASN A 62 4.58 2.29 -2.38
C ASN A 62 3.78 3.58 -2.32
N SER A 63 3.55 4.07 -1.10
CA SER A 63 2.87 5.34 -0.91
C SER A 63 3.79 6.52 -1.22
N LEU A 64 3.22 7.71 -1.26
CA LEU A 64 4.00 8.93 -1.48
C LEU A 64 4.81 9.29 -0.25
N PRO A 65 6.09 9.59 -0.46
CA PRO A 65 6.97 9.99 0.63
C PRO A 65 6.69 11.41 1.09
N GLY A 66 7.21 11.77 2.26
CA GLY A 66 7.06 13.12 2.78
C GLY A 66 5.89 13.23 3.76
N PHE A 67 5.28 12.08 4.05
CA PHE A 67 4.17 12.04 4.99
C PHE A 67 4.67 11.88 6.43
N PHE A 68 4.01 12.59 7.35
CA PHE A 68 4.44 12.59 8.74
C PHE A 68 3.52 11.75 9.61
N ASN A 69 2.73 10.89 8.96
CA ASN A 69 1.86 9.96 9.68
C ASN A 69 1.55 8.74 8.82
N ARG A 70 1.08 7.68 9.48
CA ARG A 70 0.84 6.40 8.79
C ARG A 70 -0.46 6.44 8.00
N LYS A 71 -1.45 7.16 8.53
CA LYS A 71 -2.78 7.16 7.94
C LYS A 71 -2.74 7.61 6.49
N ALA A 72 -2.05 8.71 6.24
CA ALA A 72 -1.93 9.24 4.88
C ALA A 72 -1.20 8.26 3.97
N ALA A 73 -0.14 7.66 4.48
CA ALA A 73 0.63 6.68 3.73
C ALA A 73 -0.24 5.50 3.31
N GLU A 74 -1.07 5.03 4.23
CA GLU A 74 -1.95 3.90 3.96
C GLU A 74 -2.94 4.22 2.84
N GLN A 75 -3.51 5.42 2.89
CA GLN A 75 -4.47 5.85 1.89
C GLN A 75 -3.81 5.99 0.52
N SER A 76 -2.61 6.54 0.51
CA SER A 76 -1.86 6.73 -0.73
C SER A 76 -1.51 5.40 -1.37
N ALA A 77 -1.08 4.45 -0.55
CA ALA A 77 -0.75 3.11 -1.02
C ALA A 77 -1.97 2.42 -1.63
N ALA A 78 -3.11 2.58 -0.98
CA ALA A 78 -4.36 2.02 -1.48
C ALA A 78 -4.74 2.62 -2.82
N GLU A 79 -4.57 3.93 -2.95
CA GLU A 79 -4.92 4.63 -4.18
C GLU A 79 -4.04 4.17 -5.34
N VAL A 80 -2.75 4.01 -5.08
CA VAL A 80 -1.82 3.55 -6.10
C VAL A 80 -2.17 2.15 -6.58
N ALA A 81 -2.46 1.26 -5.64
CA ALA A 81 -2.81 -0.12 -5.96
C ALA A 81 -4.09 -0.18 -6.79
N LEU A 82 -5.09 0.59 -6.39
CA LEU A 82 -6.37 0.60 -7.07
C LEU A 82 -6.24 1.16 -8.48
N ARG A 83 -5.45 2.22 -8.62
CA ARG A 83 -5.24 2.85 -9.92
C ARG A 83 -4.51 1.92 -10.88
N GLU A 84 -3.49 1.24 -10.37
CA GLU A 84 -2.74 0.28 -11.17
C GLU A 84 -3.61 -0.88 -11.61
N LEU A 85 -4.49 -1.32 -10.72
CA LEU A 85 -5.45 -2.37 -11.06
C LEU A 85 -6.40 -1.91 -12.15
N ALA A 86 -6.89 -0.68 -12.04
CA ALA A 86 -7.82 -0.13 -13.02
C ALA A 86 -7.22 -0.15 -14.42
N LYS A 87 -5.91 0.03 -14.50
CA LYS A 87 -5.23 0.13 -15.79
C LYS A 87 -5.31 -1.19 -16.55
N SER A 88 -5.54 -2.28 -15.82
CA SER A 88 -5.60 -3.60 -16.42
C SER A 88 -6.89 -3.79 -17.22
N SER A 89 -7.87 -2.92 -16.96
CA SER A 89 -9.14 -2.99 -17.66
C SER A 89 -8.95 -2.87 -19.16
N PHE A 19 -7.51 -0.17 0.85
CA PHE A 19 -6.96 -1.46 0.50
C PHE A 19 -7.35 -2.53 1.52
N LYS A 20 -7.56 -2.11 2.76
CA LYS A 20 -7.95 -3.01 3.83
C LYS A 20 -9.33 -3.62 3.57
N SER A 21 -9.39 -4.94 3.54
CA SER A 21 -10.64 -5.65 3.25
C SER A 21 -10.97 -5.57 1.76
N ARG A 22 -11.03 -4.36 1.23
CA ARG A 22 -11.37 -4.15 -0.17
C ARG A 22 -10.43 -4.95 -1.08
N LEU A 23 -9.16 -4.59 -1.08
CA LEU A 23 -8.17 -5.21 -1.96
C LEU A 23 -8.03 -6.70 -1.65
N GLN A 24 -8.01 -7.03 -0.36
CA GLN A 24 -7.91 -8.42 0.07
C GLN A 24 -9.02 -9.27 -0.54
N GLU A 25 -10.25 -8.77 -0.46
CA GLU A 25 -11.40 -9.48 -1.02
C GLU A 25 -11.27 -9.67 -2.52
N TYR A 26 -10.87 -8.61 -3.21
CA TYR A 26 -10.66 -8.66 -4.66
C TYR A 26 -9.60 -9.68 -5.03
N ALA A 27 -8.51 -9.69 -4.26
CA ALA A 27 -7.43 -10.65 -4.47
C ALA A 27 -7.95 -12.09 -4.40
N GLN A 28 -8.74 -12.37 -3.38
CA GLN A 28 -9.35 -13.69 -3.22
C GLN A 28 -10.22 -14.05 -4.43
N LYS A 29 -10.99 -13.08 -4.91
CA LYS A 29 -11.82 -13.28 -6.08
C LYS A 29 -10.98 -13.47 -7.33
N TYR A 30 -9.77 -12.93 -7.32
CA TYR A 30 -8.88 -13.01 -8.46
C TYR A 30 -7.91 -14.18 -8.33
N LYS A 31 -8.09 -14.97 -7.28
CA LYS A 31 -7.21 -16.10 -7.00
C LYS A 31 -5.76 -15.66 -6.86
N LEU A 32 -5.57 -14.49 -6.26
CA LEU A 32 -4.23 -13.95 -6.04
C LEU A 32 -3.81 -14.07 -4.58
N PRO A 33 -2.50 -14.18 -4.36
CA PRO A 33 -1.96 -14.23 -3.01
C PRO A 33 -2.42 -13.04 -2.18
N THR A 34 -2.75 -13.28 -0.92
CA THR A 34 -3.21 -12.24 -0.02
C THR A 34 -2.28 -11.03 -0.06
N PRO A 35 -2.83 -9.87 -0.37
CA PRO A 35 -2.06 -8.65 -0.48
C PRO A 35 -1.30 -8.36 0.81
N VAL A 36 -0.10 -7.81 0.68
CA VAL A 36 0.73 -7.48 1.83
C VAL A 36 1.00 -5.98 1.90
N TYR A 37 0.75 -5.38 3.06
CA TYR A 37 1.01 -3.97 3.28
C TYR A 37 2.22 -3.76 4.17
N GLU A 38 3.17 -2.95 3.71
CA GLU A 38 4.34 -2.61 4.52
C GLU A 38 4.50 -1.11 4.64
N ILE A 39 5.08 -0.66 5.75
CA ILE A 39 5.32 0.75 5.99
C ILE A 39 6.74 1.00 6.49
N VAL A 40 7.37 2.05 5.98
CA VAL A 40 8.75 2.36 6.32
C VAL A 40 8.85 3.67 7.09
N LYS A 41 9.44 3.62 8.27
CA LYS A 41 9.62 4.80 9.10
C LYS A 41 11.07 5.27 9.07
N GLU A 42 11.28 6.49 8.60
CA GLU A 42 12.63 7.06 8.53
C GLU A 42 12.67 8.45 9.14
N GLY A 43 13.86 8.87 9.56
CA GLY A 43 14.06 10.21 10.11
C GLY A 43 13.98 10.20 11.62
N PRO A 44 14.26 11.35 12.24
CA PRO A 44 14.23 11.47 13.69
C PRO A 44 12.79 11.52 14.20
N SER A 45 12.63 11.34 15.51
CA SER A 45 11.32 11.44 16.14
C SER A 45 10.77 12.86 16.06
N HIS A 46 11.66 13.81 15.77
CA HIS A 46 11.26 15.20 15.60
C HIS A 46 10.61 15.43 14.24
N LYS A 47 11.17 14.82 13.21
CA LYS A 47 10.60 14.91 11.87
C LYS A 47 10.56 13.55 11.20
N SER A 48 9.74 12.65 11.74
CA SER A 48 9.62 11.30 11.19
C SER A 48 8.76 11.29 9.94
N LEU A 49 9.25 10.65 8.89
CA LEU A 49 8.49 10.49 7.65
C LEU A 49 8.18 9.02 7.39
N PHE A 50 7.03 8.77 6.79
CA PHE A 50 6.61 7.40 6.48
C PHE A 50 6.55 7.17 4.98
N GLN A 51 6.72 5.92 4.56
CA GLN A 51 6.52 5.54 3.17
C GLN A 51 5.66 4.29 3.06
N SER A 52 4.80 4.25 2.04
CA SER A 52 3.89 3.13 1.85
C SER A 52 4.41 2.16 0.81
N THR A 53 4.38 0.88 1.15
CA THR A 53 4.75 -0.18 0.21
C THR A 53 3.66 -1.24 0.11
N VAL A 54 3.22 -1.50 -1.13
CA VAL A 54 2.15 -2.48 -1.35
C VAL A 54 2.65 -3.63 -2.24
N ILE A 55 2.54 -4.84 -1.71
CA ILE A 55 2.96 -6.03 -2.46
C ILE A 55 1.77 -6.90 -2.81
N LEU A 56 1.48 -7.00 -4.11
CA LEU A 56 0.37 -7.83 -4.59
C LEU A 56 0.84 -8.86 -5.60
N ASP A 57 0.67 -10.13 -5.28
CA ASP A 57 1.09 -11.21 -6.15
C ASP A 57 2.57 -11.12 -6.46
N GLY A 58 3.36 -10.76 -5.46
CA GLY A 58 4.81 -10.74 -5.59
C GLY A 58 5.29 -9.47 -6.28
N VAL A 59 4.35 -8.56 -6.55
CA VAL A 59 4.67 -7.31 -7.23
C VAL A 59 4.75 -6.15 -6.24
N ARG A 60 5.97 -5.69 -5.97
CA ARG A 60 6.18 -4.64 -4.99
C ARG A 60 6.02 -3.26 -5.63
N TYR A 61 5.10 -2.47 -5.07
CA TYR A 61 4.90 -1.11 -5.53
C TYR A 61 5.17 -0.11 -4.40
N ASN A 62 6.17 0.74 -4.60
CA ASN A 62 6.54 1.73 -3.60
C ASN A 62 5.90 3.08 -3.90
N SER A 63 5.33 3.70 -2.86
CA SER A 63 4.72 5.02 -3.00
C SER A 63 5.69 6.12 -2.57
N LEU A 64 5.35 7.36 -2.90
CA LEU A 64 6.19 8.50 -2.56
C LEU A 64 6.27 8.69 -1.05
N PRO A 65 7.49 8.69 -0.53
CA PRO A 65 7.71 8.87 0.91
C PRO A 65 7.48 10.31 1.33
N GLY A 66 7.27 10.53 2.63
CA GLY A 66 7.14 11.87 3.17
C GLY A 66 5.82 12.03 3.92
N PHE A 67 5.20 10.91 4.24
CA PHE A 67 3.93 10.93 4.99
C PHE A 67 4.15 11.27 6.44
N PHE A 68 3.24 12.05 7.01
CA PHE A 68 3.37 12.52 8.38
C PHE A 68 2.49 11.71 9.33
N ASN A 69 1.95 10.62 8.82
CA ASN A 69 1.12 9.72 9.63
C ASN A 69 1.03 8.33 9.00
N ARG A 70 0.87 7.32 9.85
CA ARG A 70 0.71 5.95 9.38
C ARG A 70 -0.52 5.80 8.50
N LYS A 71 -1.61 6.45 8.91
CA LYS A 71 -2.86 6.40 8.15
C LYS A 71 -2.70 7.03 6.78
N ALA A 72 -1.87 8.07 6.70
CA ALA A 72 -1.59 8.73 5.43
C ALA A 72 -0.92 7.79 4.45
N ALA A 73 -0.01 6.96 4.96
CA ALA A 73 0.64 5.94 4.14
C ALA A 73 -0.34 4.83 3.76
N GLU A 74 -1.30 4.57 4.63
CA GLU A 74 -2.36 3.61 4.35
C GLU A 74 -3.28 4.11 3.24
N GLN A 75 -3.56 5.41 3.26
CA GLN A 75 -4.36 6.04 2.22
C GLN A 75 -3.68 5.92 0.85
N SER A 76 -2.36 6.02 0.84
CA SER A 76 -1.58 5.81 -0.38
C SER A 76 -1.69 4.38 -0.86
N ALA A 77 -1.59 3.43 0.07
CA ALA A 77 -1.77 2.02 -0.25
C ALA A 77 -3.15 1.75 -0.83
N ALA A 78 -4.15 2.48 -0.33
CA ALA A 78 -5.50 2.39 -0.86
C ALA A 78 -5.57 2.86 -2.30
N GLU A 79 -4.86 3.94 -2.60
CA GLU A 79 -4.77 4.45 -3.96
C GLU A 79 -4.06 3.47 -4.88
N VAL A 80 -3.06 2.78 -4.33
CA VAL A 80 -2.34 1.75 -5.07
C VAL A 80 -3.24 0.56 -5.37
N ALA A 81 -4.07 0.20 -4.40
CA ALA A 81 -5.07 -0.86 -4.60
C ALA A 81 -6.01 -0.52 -5.75
N LEU A 82 -6.44 0.73 -5.80
CA LEU A 82 -7.31 1.20 -6.88
C LEU A 82 -6.60 1.15 -8.22
N ARG A 83 -5.32 1.48 -8.23
CA ARG A 83 -4.50 1.40 -9.43
C ARG A 83 -4.39 -0.04 -9.93
N GLU A 84 -4.25 -0.97 -8.99
CA GLU A 84 -4.19 -2.38 -9.32
C GLU A 84 -5.49 -2.88 -9.92
N LEU A 85 -6.60 -2.40 -9.37
CA LEU A 85 -7.92 -2.75 -9.88
C LEU A 85 -8.12 -2.20 -11.29
N ALA A 86 -7.63 -0.98 -11.52
CA ALA A 86 -7.73 -0.35 -12.83
C ALA A 86 -7.08 -1.21 -13.90
N LYS A 87 -6.02 -1.93 -13.52
CA LYS A 87 -5.25 -2.73 -14.46
C LYS A 87 -6.08 -3.90 -14.99
N SER A 88 -7.09 -4.29 -14.23
CA SER A 88 -7.93 -5.42 -14.59
C SER A 88 -8.96 -5.02 -15.63
N SER A 89 -9.11 -3.72 -15.85
CA SER A 89 -10.06 -3.21 -16.84
C SER A 89 -9.64 -3.57 -18.25
N PHE A 19 -3.40 -5.08 2.35
CA PHE A 19 -4.59 -5.79 1.92
C PHE A 19 -5.84 -4.93 2.08
N LYS A 20 -5.72 -3.86 2.87
CA LYS A 20 -6.85 -3.00 3.18
C LYS A 20 -7.46 -2.40 1.91
N SER A 21 -8.64 -1.83 2.04
CA SER A 21 -9.36 -1.28 0.90
C SER A 21 -9.76 -2.38 -0.08
N ARG A 22 -10.08 -1.98 -1.31
CA ARG A 22 -10.61 -2.91 -2.30
C ARG A 22 -9.67 -4.09 -2.51
N LEU A 23 -8.38 -3.88 -2.23
CA LEU A 23 -7.38 -4.92 -2.41
C LEU A 23 -7.84 -6.24 -1.80
N GLN A 24 -8.49 -6.16 -0.64
CA GLN A 24 -8.99 -7.34 0.04
C GLN A 24 -10.03 -8.06 -0.80
N GLU A 25 -10.92 -7.30 -1.41
CA GLU A 25 -11.99 -7.87 -2.23
C GLU A 25 -11.42 -8.52 -3.48
N TYR A 26 -10.40 -7.90 -4.07
CA TYR A 26 -9.73 -8.44 -5.25
C TYR A 26 -9.14 -9.81 -4.95
N ALA A 27 -8.39 -9.91 -3.86
CA ALA A 27 -7.78 -11.18 -3.47
C ALA A 27 -8.83 -12.26 -3.26
N GLN A 28 -9.85 -11.96 -2.48
CA GLN A 28 -10.87 -12.93 -2.13
C GLN A 28 -11.66 -13.36 -3.36
N LYS A 29 -11.88 -12.42 -4.27
CA LYS A 29 -12.64 -12.69 -5.49
C LYS A 29 -12.10 -13.92 -6.21
N TYR A 30 -10.78 -14.09 -6.18
CA TYR A 30 -10.12 -15.15 -6.93
C TYR A 30 -9.51 -16.18 -6.00
N LYS A 31 -9.96 -16.19 -4.75
CA LYS A 31 -9.45 -17.13 -3.77
C LYS A 31 -7.94 -17.04 -3.65
N LEU A 32 -7.41 -15.84 -3.82
CA LEU A 32 -5.97 -15.61 -3.72
C LEU A 32 -5.59 -15.09 -2.34
N PRO A 33 -4.33 -15.32 -1.96
CA PRO A 33 -3.81 -14.78 -0.70
C PRO A 33 -3.88 -13.26 -0.67
N THR A 34 -4.15 -12.71 0.51
CA THR A 34 -4.31 -11.27 0.66
C THR A 34 -2.99 -10.55 0.41
N PRO A 35 -3.08 -9.32 -0.11
CA PRO A 35 -1.91 -8.51 -0.37
C PRO A 35 -1.07 -8.33 0.89
N VAL A 36 0.24 -8.21 0.72
CA VAL A 36 1.15 -8.06 1.86
C VAL A 36 1.69 -6.64 1.94
N TYR A 37 1.37 -5.96 3.04
CA TYR A 37 1.76 -4.56 3.22
C TYR A 37 2.84 -4.43 4.28
N GLU A 38 3.75 -3.48 4.08
CA GLU A 38 4.82 -3.23 5.05
C GLU A 38 4.93 -1.73 5.36
N ILE A 39 5.30 -1.41 6.59
CA ILE A 39 5.43 -0.04 7.02
C ILE A 39 6.88 0.33 7.29
N VAL A 40 7.35 1.40 6.66
CA VAL A 40 8.73 1.84 6.81
C VAL A 40 8.79 3.28 7.30
N LYS A 41 9.44 3.49 8.44
CA LYS A 41 9.62 4.84 8.99
C LYS A 41 11.02 5.37 8.68
N GLU A 42 11.07 6.57 8.10
CA GLU A 42 12.33 7.16 7.70
C GLU A 42 12.46 8.59 8.21
N GLY A 43 13.69 9.11 8.24
CA GLY A 43 13.93 10.49 8.61
C GLY A 43 14.29 10.61 10.09
N PRO A 44 14.69 11.82 10.50
CA PRO A 44 15.04 12.07 11.89
C PRO A 44 13.80 12.02 12.79
N SER A 45 14.03 11.74 14.07
CA SER A 45 12.93 11.60 15.02
C SER A 45 12.15 12.90 15.14
N HIS A 46 12.79 14.01 14.82
CA HIS A 46 12.16 15.32 14.90
C HIS A 46 11.34 15.61 13.65
N LYS A 47 11.77 15.06 12.52
CA LYS A 47 11.09 15.28 11.25
C LYS A 47 10.91 13.97 10.49
N SER A 48 10.30 12.99 11.14
CA SER A 48 10.15 11.66 10.57
C SER A 48 8.98 11.59 9.61
N LEU A 49 9.08 10.72 8.61
CA LEU A 49 7.96 10.45 7.70
C LEU A 49 7.61 8.97 7.68
N PHE A 50 6.33 8.68 7.52
CA PHE A 50 5.86 7.30 7.47
C PHE A 50 5.48 6.90 6.04
N GLN A 51 6.10 5.83 5.55
CA GLN A 51 5.78 5.30 4.23
C GLN A 51 5.31 3.86 4.32
N SER A 52 4.62 3.41 3.27
CA SER A 52 4.08 2.05 3.24
C SER A 52 4.13 1.48 1.83
N THR A 53 4.34 0.16 1.74
CA THR A 53 4.34 -0.53 0.45
C THR A 53 3.38 -1.71 0.47
N VAL A 54 2.87 -2.07 -0.70
CA VAL A 54 1.96 -3.21 -0.82
C VAL A 54 2.38 -4.13 -1.96
N ILE A 55 2.54 -5.42 -1.66
CA ILE A 55 2.87 -6.40 -2.68
C ILE A 55 1.63 -7.16 -3.13
N LEU A 56 1.27 -6.98 -4.39
CA LEU A 56 0.11 -7.66 -4.97
C LEU A 56 0.50 -8.45 -6.21
N ASP A 57 0.23 -9.75 -6.17
CA ASP A 57 0.57 -10.62 -7.29
C ASP A 57 2.04 -10.53 -7.66
N GLY A 58 2.88 -10.23 -6.68
CA GLY A 58 4.32 -10.19 -6.88
C GLY A 58 4.78 -8.80 -7.29
N VAL A 59 3.84 -7.88 -7.39
CA VAL A 59 4.15 -6.51 -7.79
C VAL A 59 4.07 -5.56 -6.60
N ARG A 60 5.19 -4.92 -6.30
CA ARG A 60 5.30 -4.07 -5.11
C ARG A 60 5.04 -2.61 -5.45
N TYR A 61 4.07 -2.01 -4.78
CA TYR A 61 3.72 -0.61 -5.02
C TYR A 61 4.16 0.27 -3.85
N ASN A 62 4.58 1.48 -4.17
CA ASN A 62 5.06 2.42 -3.16
C ASN A 62 4.05 3.53 -2.90
N SER A 63 3.88 3.86 -1.62
CA SER A 63 3.05 4.99 -1.24
C SER A 63 3.75 6.32 -1.52
N LEU A 64 3.01 7.42 -1.40
CA LEU A 64 3.59 8.75 -1.51
C LEU A 64 4.29 9.16 -0.21
N PRO A 65 5.27 10.04 -0.32
CA PRO A 65 5.97 10.55 0.86
C PRO A 65 5.27 11.77 1.43
N GLY A 66 5.62 12.11 2.67
CA GLY A 66 5.14 13.34 3.29
C GLY A 66 4.05 13.08 4.30
N PHE A 67 3.82 11.80 4.60
CA PHE A 67 2.81 11.40 5.57
C PHE A 67 3.39 11.34 6.98
N PHE A 68 2.60 11.81 7.96
CA PHE A 68 3.00 11.73 9.36
C PHE A 68 2.14 10.73 10.12
N ASN A 69 1.67 9.72 9.42
CA ASN A 69 0.78 8.72 10.03
C ASN A 69 0.85 7.40 9.26
N ARG A 70 1.01 6.31 9.99
CA ARG A 70 1.11 4.98 9.39
C ARG A 70 -0.14 4.65 8.58
N LYS A 71 -1.29 4.98 9.14
CA LYS A 71 -2.57 4.68 8.48
C LYS A 71 -2.71 5.47 7.18
N ALA A 72 -2.24 6.71 7.19
CA ALA A 72 -2.27 7.54 5.99
C ALA A 72 -1.39 6.95 4.90
N ALA A 73 -0.22 6.45 5.28
CA ALA A 73 0.67 5.80 4.35
C ALA A 73 0.05 4.53 3.78
N GLU A 74 -0.65 3.79 4.63
CA GLU A 74 -1.33 2.57 4.20
C GLU A 74 -2.38 2.87 3.14
N GLN A 75 -3.15 3.93 3.36
CA GLN A 75 -4.19 4.33 2.42
C GLN A 75 -3.59 4.73 1.08
N SER A 76 -2.49 5.46 1.12
CA SER A 76 -1.79 5.86 -0.10
C SER A 76 -1.26 4.66 -0.85
N ALA A 77 -0.67 3.71 -0.13
CA ALA A 77 -0.14 2.50 -0.73
C ALA A 77 -1.23 1.69 -1.41
N ALA A 78 -2.37 1.56 -0.74
CA ALA A 78 -3.51 0.85 -1.29
C ALA A 78 -4.07 1.56 -2.52
N GLU A 79 -4.06 2.89 -2.47
CA GLU A 79 -4.56 3.70 -3.57
C GLU A 79 -3.73 3.49 -4.82
N VAL A 80 -2.41 3.48 -4.66
CA VAL A 80 -1.50 3.26 -5.78
C VAL A 80 -1.67 1.87 -6.37
N ALA A 81 -1.74 0.87 -5.50
CA ALA A 81 -1.94 -0.51 -5.92
C ALA A 81 -3.22 -0.66 -6.74
N LEU A 82 -4.29 -0.01 -6.27
CA LEU A 82 -5.59 -0.13 -6.91
C LEU A 82 -5.63 0.64 -8.22
N ARG A 83 -4.94 1.78 -8.26
CA ARG A 83 -4.88 2.60 -9.46
C ARG A 83 -4.17 1.87 -10.60
N GLU A 84 -3.09 1.18 -10.26
CA GLU A 84 -2.35 0.38 -11.23
C GLU A 84 -3.08 -0.92 -11.54
N LEU A 85 -3.79 -1.45 -10.55
CA LEU A 85 -4.58 -2.65 -10.74
C LEU A 85 -5.67 -2.42 -11.78
N ALA A 86 -6.36 -1.29 -11.68
CA ALA A 86 -7.41 -0.94 -12.63
C ALA A 86 -6.87 -0.91 -14.05
N LYS A 87 -5.62 -0.50 -14.20
CA LYS A 87 -5.02 -0.32 -15.52
C LYS A 87 -4.82 -1.67 -16.21
N SER A 88 -4.81 -2.74 -15.42
CA SER A 88 -4.60 -4.08 -15.96
C SER A 88 -5.86 -4.60 -16.64
N SER A 89 -6.98 -3.94 -16.39
CA SER A 89 -8.25 -4.32 -16.99
C SER A 89 -8.28 -4.01 -18.48
N PHE A 19 -5.58 -1.38 -0.61
CA PHE A 19 -5.45 -2.82 -0.53
C PHE A 19 -6.29 -3.39 0.59
N LYS A 20 -6.52 -2.60 1.63
CA LYS A 20 -7.27 -3.03 2.79
C LYS A 20 -8.72 -3.32 2.43
N SER A 21 -9.33 -4.26 3.14
CA SER A 21 -10.77 -4.51 3.01
C SER A 21 -11.12 -4.99 1.61
N ARG A 22 -12.06 -4.30 0.98
CA ARG A 22 -12.66 -4.79 -0.27
C ARG A 22 -11.59 -4.98 -1.35
N LEU A 23 -10.54 -4.17 -1.28
CA LEU A 23 -9.46 -4.24 -2.26
C LEU A 23 -8.66 -5.53 -2.12
N GLN A 24 -8.57 -6.03 -0.89
CA GLN A 24 -7.98 -7.34 -0.64
C GLN A 24 -8.87 -8.46 -1.14
N GLU A 25 -10.18 -8.31 -0.93
CA GLU A 25 -11.16 -9.27 -1.43
C GLU A 25 -11.14 -9.33 -2.95
N TYR A 26 -10.85 -8.19 -3.58
CA TYR A 26 -10.69 -8.13 -5.03
C TYR A 26 -9.49 -8.94 -5.48
N ALA A 27 -8.38 -8.82 -4.74
CA ALA A 27 -7.19 -9.61 -5.02
C ALA A 27 -7.48 -11.10 -4.91
N GLN A 28 -8.31 -11.47 -3.94
CA GLN A 28 -8.72 -12.86 -3.77
C GLN A 28 -9.56 -13.33 -4.94
N LYS A 29 -10.45 -12.46 -5.41
CA LYS A 29 -11.26 -12.75 -6.58
C LYS A 29 -10.40 -12.88 -7.84
N TYR A 30 -9.17 -12.37 -7.75
CA TYR A 30 -8.23 -12.45 -8.86
C TYR A 30 -7.19 -13.54 -8.63
N LYS A 31 -7.46 -14.40 -7.65
CA LYS A 31 -6.58 -15.52 -7.36
C LYS A 31 -5.16 -15.05 -7.05
N LEU A 32 -5.06 -13.89 -6.40
CA LEU A 32 -3.77 -13.35 -5.98
C LEU A 32 -3.43 -13.78 -4.55
N PRO A 33 -2.15 -13.79 -4.23
CA PRO A 33 -1.70 -14.19 -2.90
C PRO A 33 -2.03 -13.14 -1.86
N THR A 34 -2.11 -13.56 -0.61
CA THR A 34 -2.43 -12.65 0.49
C THR A 34 -1.42 -11.51 0.58
N PRO A 35 -1.91 -10.28 0.44
CA PRO A 35 -1.04 -9.11 0.46
C PRO A 35 -0.23 -9.04 1.75
N VAL A 36 1.04 -8.72 1.61
CA VAL A 36 1.91 -8.53 2.78
C VAL A 36 2.15 -7.07 3.07
N TYR A 37 1.72 -6.62 4.25
CA TYR A 37 1.79 -5.20 4.61
C TYR A 37 3.02 -4.91 5.48
N GLU A 38 3.85 -3.99 5.03
CA GLU A 38 5.04 -3.61 5.76
C GLU A 38 5.06 -2.10 6.03
N ILE A 39 5.56 -1.72 7.21
CA ILE A 39 5.62 -0.31 7.59
C ILE A 39 7.04 0.23 7.49
N VAL A 40 7.18 1.38 6.87
CA VAL A 40 8.50 1.98 6.65
C VAL A 40 8.61 3.32 7.35
N LYS A 41 9.55 3.43 8.28
CA LYS A 41 9.79 4.67 9.00
C LYS A 41 11.24 5.11 8.88
N GLU A 42 11.46 6.26 8.23
CA GLU A 42 12.81 6.75 8.00
C GLU A 42 12.92 8.23 8.33
N GLY A 43 14.14 8.69 8.55
CA GLY A 43 14.39 10.11 8.84
C GLY A 43 14.60 10.35 10.33
N PRO A 44 14.89 11.59 10.69
CA PRO A 44 15.13 11.95 12.08
C PRO A 44 13.96 11.55 12.96
N SER A 45 14.24 11.31 14.24
CA SER A 45 13.23 10.83 15.17
C SER A 45 12.13 11.86 15.39
N HIS A 46 12.41 13.10 14.98
CA HIS A 46 11.45 14.18 15.12
C HIS A 46 10.95 14.66 13.75
N LYS A 47 11.61 14.22 12.70
CA LYS A 47 11.23 14.58 11.34
C LYS A 47 11.04 13.35 10.47
N SER A 48 10.51 12.28 11.07
CA SER A 48 10.39 11.00 10.39
C SER A 48 9.25 11.03 9.38
N LEU A 49 9.40 10.26 8.30
CA LEU A 49 8.33 10.09 7.32
C LEU A 49 7.76 8.69 7.38
N PHE A 50 6.44 8.58 7.24
CA PHE A 50 5.76 7.31 7.34
C PHE A 50 5.30 6.81 5.97
N GLN A 51 5.85 5.68 5.55
CA GLN A 51 5.46 5.07 4.28
C GLN A 51 4.98 3.64 4.48
N SER A 52 4.22 3.13 3.51
CA SER A 52 3.71 1.77 3.57
C SER A 52 4.07 1.00 2.31
N THR A 53 4.44 -0.26 2.48
CA THR A 53 4.80 -1.12 1.36
C THR A 53 3.95 -2.38 1.34
N VAL A 54 3.17 -2.56 0.27
CA VAL A 54 2.33 -3.73 0.13
C VAL A 54 2.85 -4.66 -0.95
N ILE A 55 3.11 -5.91 -0.58
CA ILE A 55 3.59 -6.91 -1.52
C ILE A 55 2.44 -7.79 -2.02
N LEU A 56 2.10 -7.62 -3.30
CA LEU A 56 1.01 -8.38 -3.90
C LEU A 56 1.45 -9.04 -5.20
N ASP A 57 1.25 -10.35 -5.29
CA ASP A 57 1.67 -11.10 -6.46
C ASP A 57 3.15 -10.90 -6.76
N GLY A 58 3.93 -10.71 -5.71
CA GLY A 58 5.38 -10.57 -5.84
C GLY A 58 5.76 -9.17 -6.32
N VAL A 59 4.78 -8.27 -6.34
CA VAL A 59 5.01 -6.90 -6.75
C VAL A 59 4.92 -5.93 -5.57
N ARG A 60 5.90 -5.06 -5.45
CA ARG A 60 5.96 -4.13 -4.33
C ARG A 60 5.26 -2.82 -4.66
N TYR A 61 4.33 -2.41 -3.79
CA TYR A 61 3.65 -1.15 -3.94
C TYR A 61 3.93 -0.21 -2.77
N ASN A 62 4.74 0.82 -3.03
CA ASN A 62 5.16 1.73 -1.98
C ASN A 62 4.42 3.05 -2.06
N SER A 63 3.96 3.54 -0.92
CA SER A 63 3.22 4.80 -0.86
C SER A 63 4.13 5.99 -1.09
N LEU A 64 3.53 7.15 -1.32
CA LEU A 64 4.30 8.37 -1.59
C LEU A 64 5.03 8.86 -0.35
N PRO A 65 6.19 9.46 -0.55
CA PRO A 65 6.97 10.01 0.55
C PRO A 65 6.44 11.36 0.99
N GLY A 66 6.86 11.81 2.18
CA GLY A 66 6.48 13.13 2.67
C GLY A 66 5.26 13.04 3.59
N PHE A 67 4.83 11.81 3.88
CA PHE A 67 3.69 11.58 4.76
C PHE A 67 4.10 11.63 6.22
N PHE A 68 3.26 12.26 7.04
CA PHE A 68 3.55 12.41 8.46
C PHE A 68 2.63 11.55 9.31
N ASN A 69 2.02 10.55 8.69
CA ASN A 69 1.16 9.62 9.40
C ASN A 69 0.95 8.34 8.60
N ARG A 70 0.76 7.22 9.30
CA ARG A 70 0.58 5.93 8.66
C ARG A 70 -0.71 5.87 7.88
N LYS A 71 -1.75 6.53 8.41
CA LYS A 71 -3.04 6.58 7.75
C LYS A 71 -2.92 7.12 6.33
N ALA A 72 -2.11 8.15 6.17
CA ALA A 72 -1.88 8.76 4.86
C ALA A 72 -1.21 7.79 3.90
N ALA A 73 -0.24 7.03 4.41
CA ALA A 73 0.43 6.02 3.62
C ALA A 73 -0.54 4.94 3.16
N GLU A 74 -1.48 4.58 4.03
CA GLU A 74 -2.46 3.57 3.72
C GLU A 74 -3.43 4.05 2.65
N GLN A 75 -3.79 5.33 2.72
CA GLN A 75 -4.67 5.93 1.72
C GLN A 75 -4.01 5.98 0.36
N SER A 76 -2.73 6.28 0.33
CA SER A 76 -1.95 6.29 -0.90
C SER A 76 -1.91 4.89 -1.52
N ALA A 77 -1.59 3.90 -0.71
CA ALA A 77 -1.53 2.51 -1.17
C ALA A 77 -2.90 2.06 -1.70
N ALA A 78 -3.96 2.51 -1.06
CA ALA A 78 -5.31 2.20 -1.50
C ALA A 78 -5.57 2.76 -2.90
N GLU A 79 -5.12 3.99 -3.13
CA GLU A 79 -5.26 4.62 -4.44
C GLU A 79 -4.47 3.87 -5.49
N VAL A 80 -3.29 3.37 -5.11
CA VAL A 80 -2.49 2.55 -6.00
C VAL A 80 -3.20 1.25 -6.35
N ALA A 81 -3.85 0.65 -5.36
CA ALA A 81 -4.63 -0.57 -5.57
C ALA A 81 -5.78 -0.32 -6.53
N LEU A 82 -6.40 0.85 -6.41
CA LEU A 82 -7.46 1.25 -7.32
C LEU A 82 -6.92 1.43 -8.74
N ARG A 83 -5.72 1.97 -8.85
CA ARG A 83 -5.06 2.14 -10.14
C ARG A 83 -4.74 0.79 -10.77
N GLU A 84 -4.40 -0.18 -9.94
CA GLU A 84 -4.16 -1.55 -10.40
C GLU A 84 -5.49 -2.26 -10.68
N LEU A 85 -6.53 -1.86 -9.96
CA LEU A 85 -7.85 -2.44 -10.15
C LEU A 85 -8.42 -2.07 -11.52
N ALA A 86 -8.18 -0.83 -11.94
CA ALA A 86 -8.67 -0.35 -13.23
C ALA A 86 -8.02 -1.10 -14.38
N LYS A 87 -6.90 -1.76 -14.09
CA LYS A 87 -6.15 -2.48 -15.11
C LYS A 87 -6.73 -3.86 -15.35
N SER A 88 -7.55 -4.33 -14.41
CA SER A 88 -8.17 -5.64 -14.52
C SER A 88 -9.31 -5.62 -15.54
N SER A 89 -9.77 -4.43 -15.88
CA SER A 89 -10.84 -4.27 -16.86
C SER A 89 -10.41 -4.77 -18.23
N PHE A 19 -10.62 3.29 0.50
CA PHE A 19 -9.57 2.51 -0.15
C PHE A 19 -9.00 1.47 0.80
N LYS A 20 -9.07 1.76 2.09
CA LYS A 20 -8.58 0.83 3.12
C LYS A 20 -9.24 -0.53 3.00
N SER A 21 -8.43 -1.56 2.84
CA SER A 21 -8.94 -2.93 2.78
C SER A 21 -9.71 -3.18 1.48
N ARG A 22 -9.72 -2.18 0.61
CA ARG A 22 -10.32 -2.32 -0.71
C ARG A 22 -9.50 -3.24 -1.60
N LEU A 23 -8.18 -3.08 -1.55
CA LEU A 23 -7.27 -3.96 -2.26
C LEU A 23 -7.48 -5.41 -1.84
N GLN A 24 -7.76 -5.61 -0.56
CA GLN A 24 -7.98 -6.96 -0.02
C GLN A 24 -9.28 -7.55 -0.55
N GLU A 25 -10.33 -6.73 -0.60
CA GLU A 25 -11.60 -7.14 -1.16
C GLU A 25 -11.44 -7.66 -2.59
N TYR A 26 -10.79 -6.86 -3.43
CA TYR A 26 -10.58 -7.22 -4.83
C TYR A 26 -9.65 -8.42 -4.95
N ALA A 27 -8.66 -8.48 -4.07
CA ALA A 27 -7.73 -9.61 -4.04
C ALA A 27 -8.49 -10.93 -3.87
N GLN A 28 -9.45 -10.94 -2.96
CA GLN A 28 -10.28 -12.12 -2.74
C GLN A 28 -11.14 -12.42 -3.96
N LYS A 29 -11.67 -11.38 -4.58
CA LYS A 29 -12.52 -11.54 -5.76
C LYS A 29 -11.72 -12.04 -6.95
N TYR A 30 -10.44 -11.68 -7.00
CA TYR A 30 -9.61 -11.96 -8.17
C TYR A 30 -8.70 -13.15 -7.92
N LYS A 31 -8.96 -13.86 -6.83
CA LYS A 31 -8.16 -15.03 -6.47
C LYS A 31 -6.68 -14.69 -6.40
N LEU A 32 -6.38 -13.51 -5.86
CA LEU A 32 -5.00 -13.07 -5.70
C LEU A 32 -4.49 -13.32 -4.29
N PRO A 33 -3.18 -13.51 -4.15
CA PRO A 33 -2.57 -13.69 -2.84
C PRO A 33 -2.85 -12.50 -1.93
N THR A 34 -2.87 -12.76 -0.63
CA THR A 34 -3.09 -11.70 0.35
C THR A 34 -2.01 -10.63 0.29
N PRO A 35 -2.42 -9.38 0.13
CA PRO A 35 -1.49 -8.27 -0.03
C PRO A 35 -0.69 -8.05 1.25
N VAL A 36 0.58 -7.69 1.10
CA VAL A 36 1.44 -7.42 2.24
C VAL A 36 1.82 -5.95 2.32
N TYR A 37 1.63 -5.37 3.51
CA TYR A 37 1.89 -3.94 3.70
C TYR A 37 3.12 -3.73 4.57
N GLU A 38 4.12 -3.03 4.04
CA GLU A 38 5.32 -2.71 4.79
C GLU A 38 5.46 -1.22 5.01
N ILE A 39 5.81 -0.82 6.23
CA ILE A 39 5.91 0.59 6.58
C ILE A 39 7.36 0.97 6.88
N VAL A 40 7.85 2.01 6.20
CA VAL A 40 9.21 2.48 6.41
C VAL A 40 9.22 3.87 7.05
N LYS A 41 9.94 4.01 8.15
CA LYS A 41 10.05 5.29 8.84
C LYS A 41 11.42 5.91 8.65
N GLU A 42 11.46 7.09 8.06
CA GLU A 42 12.73 7.77 7.79
C GLU A 42 12.68 9.21 8.27
N GLY A 43 13.85 9.84 8.38
CA GLY A 43 13.93 11.25 8.72
C GLY A 43 14.27 11.44 10.20
N PRO A 44 14.28 12.69 10.65
CA PRO A 44 14.60 13.01 12.03
C PRO A 44 13.54 12.47 12.98
N SER A 45 13.94 12.23 14.23
CA SER A 45 13.04 11.69 15.23
C SER A 45 11.89 12.66 15.51
N HIS A 46 12.11 13.93 15.20
CA HIS A 46 11.10 14.96 15.44
C HIS A 46 10.43 15.39 14.13
N LYS A 47 11.08 15.08 13.01
CA LYS A 47 10.54 15.42 11.70
C LYS A 47 10.44 14.20 10.81
N SER A 48 10.02 13.08 11.38
CA SER A 48 10.01 11.80 10.66
C SER A 48 8.86 11.75 9.67
N LEU A 49 9.07 11.04 8.56
CA LEU A 49 8.02 10.78 7.59
C LEU A 49 7.90 9.29 7.29
N PHE A 50 6.68 8.85 7.03
CA PHE A 50 6.42 7.44 6.74
C PHE A 50 6.23 7.21 5.24
N GLN A 51 6.61 6.02 4.78
CA GLN A 51 6.31 5.62 3.41
C GLN A 51 5.96 4.13 3.34
N SER A 52 4.91 3.81 2.60
CA SER A 52 4.36 2.47 2.59
C SER A 52 4.60 1.77 1.26
N THR A 53 4.99 0.50 1.33
CA THR A 53 5.06 -0.34 0.14
C THR A 53 4.16 -1.56 0.28
N VAL A 54 3.26 -1.75 -0.68
CA VAL A 54 2.33 -2.86 -0.66
C VAL A 54 2.60 -3.84 -1.79
N ILE A 55 2.59 -5.13 -1.46
CA ILE A 55 2.89 -6.17 -2.44
C ILE A 55 1.68 -7.06 -2.70
N LEU A 56 1.27 -7.14 -3.96
CA LEU A 56 0.14 -7.98 -4.34
C LEU A 56 0.47 -8.84 -5.56
N ASP A 57 0.26 -10.14 -5.44
CA ASP A 57 0.57 -11.07 -6.52
C ASP A 57 2.03 -10.98 -6.93
N GLY A 58 2.90 -10.69 -5.96
CA GLY A 58 4.33 -10.66 -6.19
C GLY A 58 4.76 -9.34 -6.81
N VAL A 59 3.81 -8.43 -6.96
CA VAL A 59 4.08 -7.13 -7.57
C VAL A 59 4.20 -6.03 -6.53
N ARG A 60 5.30 -5.30 -6.56
CA ARG A 60 5.55 -4.25 -5.58
C ARG A 60 4.95 -2.93 -6.02
N TYR A 61 4.16 -2.31 -5.13
CA TYR A 61 3.63 -0.98 -5.38
C TYR A 61 4.12 0.01 -4.33
N ASN A 62 4.90 0.98 -4.76
CA ASN A 62 5.48 1.97 -3.86
C ASN A 62 4.63 3.23 -3.82
N SER A 63 4.19 3.61 -2.63
CA SER A 63 3.45 4.85 -2.44
C SER A 63 4.40 6.02 -2.16
N LEU A 64 3.87 7.24 -2.26
CA LEU A 64 4.69 8.43 -2.07
C LEU A 64 4.97 8.69 -0.59
N PRO A 65 6.21 9.06 -0.29
CA PRO A 65 6.61 9.30 1.09
C PRO A 65 6.02 10.61 1.61
N GLY A 66 5.87 10.70 2.93
CA GLY A 66 5.43 11.93 3.57
C GLY A 66 4.20 11.69 4.44
N PHE A 67 3.95 10.43 4.77
CA PHE A 67 2.81 10.07 5.60
C PHE A 67 3.08 10.40 7.06
N PHE A 68 2.02 10.81 7.77
CA PHE A 68 2.14 11.17 9.18
C PHE A 68 1.47 10.13 10.07
N ASN A 69 0.94 9.08 9.45
CA ASN A 69 0.27 8.02 10.19
C ASN A 69 0.29 6.71 9.41
N ARG A 70 0.35 5.59 10.13
CA ARG A 70 0.38 4.27 9.50
C ARG A 70 -0.92 3.98 8.77
N LYS A 71 -2.04 4.35 9.39
CA LYS A 71 -3.35 4.14 8.78
C LYS A 71 -3.43 4.78 7.41
N ALA A 72 -3.05 6.05 7.33
CA ALA A 72 -3.07 6.79 6.07
C ALA A 72 -2.08 6.19 5.07
N ALA A 73 -0.95 5.73 5.57
CA ALA A 73 0.08 5.14 4.73
C ALA A 73 -0.43 3.88 4.04
N GLU A 74 -1.09 3.01 4.80
CA GLU A 74 -1.56 1.73 4.28
C GLU A 74 -2.73 1.94 3.32
N GLN A 75 -3.61 2.86 3.66
CA GLN A 75 -4.76 3.18 2.81
C GLN A 75 -4.30 3.70 1.45
N SER A 76 -3.35 4.62 1.47
CA SER A 76 -2.83 5.19 0.24
C SER A 76 -2.08 4.16 -0.59
N ALA A 77 -1.35 3.28 0.09
CA ALA A 77 -0.68 2.17 -0.57
C ALA A 77 -1.66 1.29 -1.32
N ALA A 78 -2.78 0.97 -0.69
CA ALA A 78 -3.84 0.20 -1.31
C ALA A 78 -4.40 0.93 -2.54
N GLU A 79 -4.54 2.24 -2.42
CA GLU A 79 -5.01 3.07 -3.52
C GLU A 79 -4.09 2.96 -4.73
N VAL A 80 -2.78 3.06 -4.49
CA VAL A 80 -1.79 2.98 -5.55
C VAL A 80 -1.85 1.62 -6.25
N ALA A 81 -1.99 0.56 -5.46
CA ALA A 81 -2.09 -0.79 -6.01
C ALA A 81 -3.36 -0.96 -6.82
N LEU A 82 -4.45 -0.37 -6.33
CA LEU A 82 -5.73 -0.44 -7.02
C LEU A 82 -5.68 0.31 -8.35
N ARG A 83 -5.05 1.47 -8.34
CA ARG A 83 -4.94 2.29 -9.55
C ARG A 83 -4.13 1.57 -10.63
N GLU A 84 -3.11 0.84 -10.22
CA GLU A 84 -2.33 0.03 -11.13
C GLU A 84 -3.09 -1.23 -11.53
N LEU A 85 -3.86 -1.77 -10.59
CA LEU A 85 -4.66 -2.96 -10.84
C LEU A 85 -5.68 -2.71 -11.93
N ALA A 86 -6.27 -1.52 -11.93
CA ALA A 86 -7.28 -1.16 -12.93
C ALA A 86 -6.69 -1.14 -14.33
N LYS A 87 -5.37 -1.03 -14.41
CA LYS A 87 -4.69 -0.91 -15.69
C LYS A 87 -4.53 -2.28 -16.35
N SER A 88 -4.90 -3.33 -15.62
CA SER A 88 -4.86 -4.69 -16.16
C SER A 88 -5.98 -4.92 -17.16
N SER A 89 -6.96 -4.03 -17.16
CA SER A 89 -8.09 -4.12 -18.09
C SER A 89 -7.61 -4.04 -19.53
N PHE A 19 -6.69 -0.28 2.47
CA PHE A 19 -6.41 -1.52 1.76
C PHE A 19 -6.97 -2.72 2.50
N LYS A 20 -7.04 -2.61 3.83
CA LYS A 20 -7.55 -3.68 4.67
C LYS A 20 -8.97 -4.06 4.28
N SER A 21 -9.24 -5.36 4.21
CA SER A 21 -10.57 -5.85 3.87
C SER A 21 -10.85 -5.68 2.38
N ARG A 22 -11.02 -4.44 1.95
CA ARG A 22 -11.45 -4.15 0.58
C ARG A 22 -10.49 -4.73 -0.43
N LEU A 23 -9.22 -4.31 -0.36
CA LEU A 23 -8.22 -4.74 -1.32
C LEU A 23 -7.92 -6.22 -1.18
N GLN A 24 -7.89 -6.70 0.06
CA GLN A 24 -7.66 -8.12 0.34
C GLN A 24 -8.72 -8.98 -0.34
N GLU A 25 -9.97 -8.54 -0.27
CA GLU A 25 -11.07 -9.25 -0.90
C GLU A 25 -10.94 -9.23 -2.42
N TYR A 26 -10.54 -8.09 -2.95
CA TYR A 26 -10.27 -7.96 -4.38
C TYR A 26 -9.24 -8.99 -4.84
N ALA A 27 -8.16 -9.12 -4.07
CA ALA A 27 -7.13 -10.11 -4.36
C ALA A 27 -7.73 -11.51 -4.43
N GLN A 28 -8.59 -11.83 -3.47
CA GLN A 28 -9.23 -13.14 -3.42
C GLN A 28 -10.09 -13.39 -4.65
N LYS A 29 -10.72 -12.33 -5.14
CA LYS A 29 -11.58 -12.43 -6.32
C LYS A 29 -10.79 -12.89 -7.54
N TYR A 30 -9.50 -12.55 -7.57
CA TYR A 30 -8.65 -12.87 -8.71
C TYR A 30 -7.66 -13.98 -8.34
N LYS A 31 -8.00 -14.76 -7.31
CA LYS A 31 -7.17 -15.88 -6.91
C LYS A 31 -5.73 -15.46 -6.68
N LEU A 32 -5.55 -14.23 -6.17
CA LEU A 32 -4.21 -13.71 -5.90
C LEU A 32 -3.77 -14.06 -4.48
N PRO A 33 -2.45 -14.10 -4.28
CA PRO A 33 -1.89 -14.42 -2.97
C PRO A 33 -2.25 -13.36 -1.95
N THR A 34 -2.25 -13.75 -0.68
CA THR A 34 -2.58 -12.82 0.41
C THR A 34 -1.70 -11.59 0.37
N PRO A 35 -2.33 -10.42 0.27
CA PRO A 35 -1.61 -9.16 0.22
C PRO A 35 -0.68 -9.02 1.43
N VAL A 36 0.52 -8.50 1.18
CA VAL A 36 1.50 -8.30 2.24
C VAL A 36 1.80 -6.82 2.45
N TYR A 37 1.67 -6.38 3.70
CA TYR A 37 1.84 -4.96 4.03
C TYR A 37 3.15 -4.72 4.75
N GLU A 38 3.97 -3.82 4.21
CA GLU A 38 5.22 -3.43 4.84
C GLU A 38 5.24 -1.95 5.19
N ILE A 39 5.71 -1.62 6.38
CA ILE A 39 5.74 -0.24 6.85
C ILE A 39 7.18 0.24 7.01
N VAL A 40 7.45 1.43 6.48
CA VAL A 40 8.79 2.02 6.56
C VAL A 40 8.77 3.34 7.31
N LYS A 41 9.61 3.45 8.34
CA LYS A 41 9.74 4.69 9.09
C LYS A 41 11.19 5.16 9.13
N GLU A 42 11.45 6.35 8.60
CA GLU A 42 12.79 6.88 8.52
C GLU A 42 12.84 8.33 8.99
N GLY A 43 14.01 8.75 9.46
CA GLY A 43 14.22 10.15 9.83
C GLY A 43 14.30 10.30 11.34
N PRO A 44 14.34 11.56 11.81
CA PRO A 44 14.43 11.85 13.23
C PRO A 44 13.11 11.56 13.93
N SER A 45 13.20 11.25 15.23
CA SER A 45 12.01 10.97 16.02
C SER A 45 11.12 12.21 16.14
N HIS A 46 11.70 13.37 15.87
CA HIS A 46 10.96 14.62 15.94
C HIS A 46 10.27 14.93 14.62
N LYS A 47 10.91 14.54 13.52
CA LYS A 47 10.31 14.67 12.20
C LYS A 47 10.44 13.39 11.40
N SER A 48 9.64 12.39 11.76
CA SER A 48 9.71 11.08 11.11
C SER A 48 8.90 11.06 9.82
N LEU A 49 9.45 10.45 8.79
CA LEU A 49 8.73 10.24 7.54
C LEU A 49 8.17 8.83 7.44
N PHE A 50 6.91 8.72 7.04
CA PHE A 50 6.24 7.43 6.94
C PHE A 50 5.97 7.05 5.49
N GLN A 51 6.33 5.84 5.12
CA GLN A 51 6.00 5.31 3.80
C GLN A 51 5.68 3.82 3.86
N SER A 52 4.70 3.38 3.08
CA SER A 52 4.21 2.01 3.15
C SER A 52 4.17 1.38 1.77
N THR A 53 4.29 0.05 1.72
CA THR A 53 4.24 -0.68 0.46
C THR A 53 3.31 -1.88 0.57
N VAL A 54 2.43 -2.03 -0.42
CA VAL A 54 1.57 -3.20 -0.52
C VAL A 54 2.06 -4.16 -1.60
N ILE A 55 2.28 -5.42 -1.22
CA ILE A 55 2.79 -6.41 -2.15
C ILE A 55 1.72 -7.44 -2.50
N LEU A 56 1.41 -7.54 -3.80
CA LEU A 56 0.36 -8.44 -4.27
C LEU A 56 0.74 -9.07 -5.59
N ASP A 57 0.88 -10.40 -5.59
CA ASP A 57 1.26 -11.13 -6.79
C ASP A 57 2.60 -10.66 -7.33
N GLY A 58 3.50 -10.33 -6.41
CA GLY A 58 4.86 -9.94 -6.79
C GLY A 58 4.90 -8.49 -7.27
N VAL A 59 3.77 -7.80 -7.17
CA VAL A 59 3.67 -6.41 -7.60
C VAL A 59 3.69 -5.47 -6.39
N ARG A 60 4.64 -4.53 -6.40
CA ARG A 60 4.82 -3.62 -5.28
C ARG A 60 4.08 -2.31 -5.50
N TYR A 61 3.27 -1.91 -4.53
CA TYR A 61 2.57 -0.63 -4.59
C TYR A 61 3.10 0.34 -3.55
N ASN A 62 4.03 1.19 -3.96
CA ASN A 62 4.66 2.15 -3.05
C ASN A 62 3.80 3.38 -2.86
N SER A 63 3.61 3.78 -1.60
CA SER A 63 2.96 5.04 -1.29
C SER A 63 3.87 6.23 -1.60
N LEU A 64 3.29 7.42 -1.65
CA LEU A 64 4.06 8.64 -1.87
C LEU A 64 4.86 9.01 -0.63
N PRO A 65 6.13 9.35 -0.84
CA PRO A 65 7.01 9.72 0.26
C PRO A 65 6.73 11.16 0.72
N GLY A 66 7.10 11.45 1.96
CA GLY A 66 6.99 12.81 2.49
C GLY A 66 5.79 12.92 3.43
N PHE A 67 5.29 11.79 3.89
CA PHE A 67 4.15 11.76 4.79
C PHE A 67 4.59 11.79 6.25
N PHE A 68 3.78 12.43 7.09
CA PHE A 68 4.11 12.55 8.51
C PHE A 68 3.14 11.74 9.36
N ASN A 69 2.43 10.81 8.73
CA ASN A 69 1.46 9.98 9.43
C ASN A 69 1.30 8.63 8.74
N ARG A 70 1.00 7.59 9.52
CA ARG A 70 0.86 6.24 8.99
C ARG A 70 -0.37 6.13 8.09
N LYS A 71 -1.45 6.79 8.50
CA LYS A 71 -2.70 6.72 7.75
C LYS A 71 -2.51 7.20 6.32
N ALA A 72 -1.81 8.30 6.15
CA ALA A 72 -1.58 8.88 4.83
C ALA A 72 -0.89 7.88 3.90
N ALA A 73 0.11 7.18 4.44
CA ALA A 73 0.86 6.20 3.65
C ALA A 73 0.00 5.00 3.31
N GLU A 74 -0.88 4.62 4.23
CA GLU A 74 -1.76 3.47 4.02
C GLU A 74 -2.81 3.78 2.97
N GLN A 75 -3.22 5.04 2.89
CA GLN A 75 -4.21 5.47 1.91
C GLN A 75 -3.60 5.58 0.52
N SER A 76 -2.42 6.18 0.45
CA SER A 76 -1.72 6.35 -0.82
C SER A 76 -1.35 5.01 -1.44
N ALA A 77 -0.88 4.10 -0.60
CA ALA A 77 -0.52 2.75 -1.05
C ALA A 77 -1.74 2.02 -1.59
N ALA A 78 -2.86 2.12 -0.88
CA ALA A 78 -4.11 1.53 -1.32
C ALA A 78 -4.56 2.11 -2.66
N GLU A 79 -4.41 3.42 -2.80
CA GLU A 79 -4.82 4.11 -4.02
C GLU A 79 -4.02 3.63 -5.23
N VAL A 80 -2.72 3.47 -5.02
CA VAL A 80 -1.85 2.96 -6.08
C VAL A 80 -2.22 1.53 -6.47
N ALA A 81 -2.57 0.73 -5.48
CA ALA A 81 -2.98 -0.65 -5.71
C ALA A 81 -4.28 -0.71 -6.50
N LEU A 82 -5.21 0.19 -6.16
CA LEU A 82 -6.51 0.24 -6.83
C LEU A 82 -6.38 0.71 -8.27
N ARG A 83 -5.55 1.73 -8.48
CA ARG A 83 -5.38 2.31 -9.80
C ARG A 83 -4.72 1.32 -10.76
N GLU A 84 -3.73 0.60 -10.27
CA GLU A 84 -3.02 -0.38 -11.09
C GLU A 84 -3.94 -1.53 -11.48
N LEU A 85 -4.79 -1.96 -10.55
CA LEU A 85 -5.76 -3.01 -10.82
C LEU A 85 -6.80 -2.55 -11.82
N ALA A 86 -7.24 -1.30 -11.69
CA ALA A 86 -8.20 -0.72 -12.63
C ALA A 86 -7.57 -0.52 -14.00
N LYS A 87 -6.26 -0.36 -14.03
CA LYS A 87 -5.53 -0.20 -15.28
C LYS A 87 -5.34 -1.55 -15.98
N SER A 88 -5.21 -2.61 -15.19
CA SER A 88 -5.04 -3.95 -15.74
C SER A 88 -6.37 -4.68 -15.84
N SER A 89 -7.42 -4.06 -15.31
CA SER A 89 -8.76 -4.64 -15.38
C SER A 89 -9.20 -4.84 -16.82
N PHE A 19 -11.70 -10.64 3.37
CA PHE A 19 -11.02 -9.48 2.80
C PHE A 19 -11.92 -8.25 2.78
N LYS A 20 -11.35 -7.11 3.16
CA LYS A 20 -12.12 -5.87 3.22
C LYS A 20 -11.53 -4.82 2.30
N SER A 21 -12.34 -3.83 1.94
CA SER A 21 -11.90 -2.74 1.07
C SER A 21 -11.78 -3.21 -0.38
N ARG A 22 -11.67 -2.26 -1.29
CA ARG A 22 -11.65 -2.57 -2.72
C ARG A 22 -10.47 -3.46 -3.07
N LEU A 23 -9.26 -2.99 -2.78
CA LEU A 23 -8.05 -3.68 -3.18
C LEU A 23 -8.11 -5.16 -2.84
N GLN A 24 -8.39 -5.46 -1.57
CA GLN A 24 -8.35 -6.82 -1.07
C GLN A 24 -9.50 -7.65 -1.64
N GLU A 25 -10.67 -7.04 -1.72
CA GLU A 25 -11.85 -7.71 -2.28
C GLU A 25 -11.62 -8.11 -3.73
N TYR A 26 -11.05 -7.21 -4.51
CA TYR A 26 -10.74 -7.47 -5.91
C TYR A 26 -9.65 -8.54 -6.03
N ALA A 27 -8.67 -8.48 -5.15
CA ALA A 27 -7.60 -9.48 -5.12
C ALA A 27 -8.16 -10.87 -4.85
N GLN A 28 -9.16 -10.94 -3.97
CA GLN A 28 -9.85 -12.20 -3.71
C GLN A 28 -10.57 -12.71 -4.96
N LYS A 29 -11.26 -11.79 -5.64
CA LYS A 29 -11.93 -12.13 -6.90
C LYS A 29 -10.92 -12.59 -7.95
N TYR A 30 -9.71 -12.07 -7.86
CA TYR A 30 -8.67 -12.38 -8.85
C TYR A 30 -7.83 -13.56 -8.40
N LYS A 31 -8.22 -14.18 -7.30
CA LYS A 31 -7.50 -15.33 -6.76
C LYS A 31 -6.03 -14.99 -6.54
N LEU A 32 -5.78 -13.80 -6.00
CA LEU A 32 -4.41 -13.37 -5.73
C LEU A 32 -4.03 -13.61 -4.29
N PRO A 33 -2.73 -13.81 -4.04
CA PRO A 33 -2.23 -14.03 -2.70
C PRO A 33 -2.57 -12.87 -1.78
N THR A 34 -2.65 -13.16 -0.48
CA THR A 34 -2.95 -12.13 0.51
C THR A 34 -1.97 -10.96 0.42
N PRO A 35 -2.50 -9.76 0.23
CA PRO A 35 -1.68 -8.57 0.08
C PRO A 35 -0.79 -8.37 1.31
N VAL A 36 0.44 -7.92 1.07
CA VAL A 36 1.38 -7.67 2.15
C VAL A 36 1.65 -6.18 2.31
N TYR A 37 1.45 -5.67 3.51
CA TYR A 37 1.60 -4.24 3.78
C TYR A 37 2.83 -3.99 4.65
N GLU A 38 3.69 -3.08 4.20
CA GLU A 38 4.87 -2.69 4.97
C GLU A 38 4.97 -1.17 5.08
N ILE A 39 5.41 -0.69 6.23
CA ILE A 39 5.56 0.74 6.47
C ILE A 39 6.97 1.08 6.92
N VAL A 40 7.58 2.03 6.22
CA VAL A 40 8.96 2.44 6.53
C VAL A 40 8.99 3.84 7.11
N LYS A 41 9.65 4.00 8.25
CA LYS A 41 9.81 5.30 8.88
C LYS A 41 11.21 5.84 8.72
N GLU A 42 11.33 7.00 8.10
CA GLU A 42 12.63 7.61 7.84
C GLU A 42 12.66 9.07 8.27
N GLY A 43 13.86 9.59 8.48
CA GLY A 43 14.03 11.00 8.83
C GLY A 43 14.41 11.17 10.29
N PRO A 44 14.69 12.41 10.70
CA PRO A 44 15.07 12.69 12.07
C PRO A 44 13.94 12.39 13.03
N SER A 45 14.28 12.12 14.29
CA SER A 45 13.29 11.81 15.31
C SER A 45 12.35 12.97 15.55
N HIS A 46 12.78 14.17 15.14
CA HIS A 46 11.96 15.36 15.28
C HIS A 46 11.00 15.52 14.11
N LYS A 47 11.50 15.24 12.91
CA LYS A 47 10.68 15.34 11.71
C LYS A 47 10.73 14.04 10.90
N SER A 48 10.05 13.02 11.39
CA SER A 48 10.04 11.72 10.72
C SER A 48 8.90 11.64 9.71
N LEU A 49 9.20 11.09 8.53
CA LEU A 49 8.20 10.87 7.51
C LEU A 49 7.96 9.38 7.28
N PHE A 50 6.71 9.03 6.96
CA PHE A 50 6.35 7.63 6.71
C PHE A 50 6.18 7.37 5.22
N GLN A 51 6.46 6.14 4.81
CA GLN A 51 6.15 5.70 3.45
C GLN A 51 5.83 4.21 3.41
N SER A 52 4.71 3.88 2.78
CA SER A 52 4.18 2.52 2.83
C SER A 52 4.23 1.85 1.46
N THR A 53 4.35 0.53 1.45
CA THR A 53 4.39 -0.23 0.21
C THR A 53 3.50 -1.46 0.30
N VAL A 54 2.80 -1.77 -0.79
CA VAL A 54 1.90 -2.90 -0.83
C VAL A 54 2.32 -3.91 -1.89
N ILE A 55 2.54 -5.15 -1.45
CA ILE A 55 2.94 -6.22 -2.37
C ILE A 55 1.80 -7.18 -2.64
N LEU A 56 1.40 -7.27 -3.91
CA LEU A 56 0.30 -8.14 -4.29
C LEU A 56 0.69 -9.05 -5.45
N ASP A 57 0.57 -10.36 -5.25
CA ASP A 57 0.96 -11.33 -6.26
C ASP A 57 2.43 -11.18 -6.63
N GLY A 58 3.24 -10.75 -5.67
CA GLY A 58 4.68 -10.62 -5.89
C GLY A 58 5.01 -9.32 -6.60
N VAL A 59 4.01 -8.46 -6.75
CA VAL A 59 4.20 -7.17 -7.42
C VAL A 59 4.16 -6.02 -6.41
N ARG A 60 5.31 -5.37 -6.24
CA ARG A 60 5.46 -4.33 -5.22
C ARG A 60 4.94 -2.99 -5.74
N TYR A 61 3.94 -2.44 -5.06
CA TYR A 61 3.44 -1.11 -5.38
C TYR A 61 3.86 -0.09 -4.34
N ASN A 62 4.54 0.95 -4.79
CA ASN A 62 5.12 1.94 -3.89
C ASN A 62 4.38 3.27 -3.96
N SER A 63 4.01 3.80 -2.79
CA SER A 63 3.41 5.13 -2.72
C SER A 63 4.47 6.19 -2.47
N LEU A 64 4.07 7.46 -2.60
CA LEU A 64 4.98 8.57 -2.35
C LEU A 64 5.16 8.82 -0.86
N PRO A 65 6.38 9.16 -0.47
CA PRO A 65 6.70 9.38 0.93
C PRO A 65 6.16 10.73 1.42
N GLY A 66 6.26 10.96 2.72
CA GLY A 66 5.88 12.25 3.29
C GLY A 66 4.59 12.13 4.09
N PHE A 67 4.34 10.94 4.61
CA PHE A 67 3.17 10.70 5.46
C PHE A 67 3.48 11.01 6.92
N PHE A 68 2.45 11.41 7.67
CA PHE A 68 2.62 11.76 9.07
C PHE A 68 1.93 10.75 9.98
N ASN A 69 1.45 9.66 9.39
CA ASN A 69 0.77 8.62 10.14
C ASN A 69 0.90 7.27 9.46
N ARG A 70 1.12 6.22 10.25
CA ARG A 70 1.27 4.88 9.72
C ARG A 70 0.01 4.42 9.00
N LYS A 71 -1.14 4.66 9.63
CA LYS A 71 -2.42 4.25 9.06
C LYS A 71 -2.71 4.99 7.76
N ALA A 72 -2.38 6.28 7.73
CA ALA A 72 -2.55 7.09 6.54
C ALA A 72 -1.68 6.58 5.39
N ALA A 73 -0.43 6.26 5.70
CA ALA A 73 0.49 5.73 4.71
C ALA A 73 -0.03 4.43 4.11
N GLU A 74 -0.52 3.54 4.97
CA GLU A 74 -0.98 2.23 4.54
C GLU A 74 -2.22 2.35 3.65
N GLN A 75 -3.15 3.21 4.06
CA GLN A 75 -4.38 3.40 3.31
C GLN A 75 -4.09 3.97 1.92
N SER A 76 -3.19 4.95 1.86
CA SER A 76 -2.84 5.60 0.60
C SER A 76 -2.12 4.62 -0.32
N ALA A 77 -1.21 3.83 0.25
CA ALA A 77 -0.48 2.83 -0.51
C ALA A 77 -1.42 1.77 -1.07
N ALA A 78 -2.45 1.43 -0.31
CA ALA A 78 -3.49 0.51 -0.77
C ALA A 78 -4.25 1.09 -1.95
N GLU A 79 -4.54 2.38 -1.89
CA GLU A 79 -5.22 3.08 -2.97
C GLU A 79 -4.36 3.10 -4.24
N VAL A 80 -3.05 3.25 -4.06
CA VAL A 80 -2.11 3.20 -5.17
C VAL A 80 -2.08 1.83 -5.81
N ALA A 81 -2.00 0.79 -4.98
CA ALA A 81 -2.04 -0.58 -5.46
C ALA A 81 -3.36 -0.89 -6.15
N LEU A 82 -4.44 -0.28 -5.66
CA LEU A 82 -5.76 -0.45 -6.26
C LEU A 82 -5.81 0.15 -7.67
N ARG A 83 -5.30 1.37 -7.80
CA ARG A 83 -5.30 2.06 -9.08
C ARG A 83 -4.45 1.32 -10.10
N GLU A 84 -3.37 0.71 -9.64
CA GLU A 84 -2.50 -0.09 -10.50
C GLU A 84 -3.15 -1.41 -10.86
N LEU A 85 -3.86 -2.00 -9.90
CA LEU A 85 -4.57 -3.25 -10.11
C LEU A 85 -5.69 -3.09 -11.13
N ALA A 86 -6.36 -1.94 -11.08
CA ALA A 86 -7.49 -1.67 -11.98
C ALA A 86 -7.04 -1.67 -13.43
N LYS A 87 -5.76 -1.38 -13.66
CA LYS A 87 -5.22 -1.32 -15.01
C LYS A 87 -5.33 -2.66 -15.72
N SER A 88 -5.38 -3.73 -14.94
CA SER A 88 -5.42 -5.08 -15.50
C SER A 88 -6.84 -5.48 -15.85
N SER A 89 -7.80 -4.64 -15.48
CA SER A 89 -9.21 -4.90 -15.76
C SER A 89 -9.48 -4.88 -17.26
N PHE A 19 -6.49 -1.43 -1.33
CA PHE A 19 -6.77 -2.82 -1.68
C PHE A 19 -7.88 -3.40 -0.81
N LYS A 20 -8.08 -2.81 0.37
CA LYS A 20 -9.02 -3.32 1.34
C LYS A 20 -10.42 -3.48 0.72
N SER A 21 -11.01 -4.65 0.93
CA SER A 21 -12.37 -4.90 0.45
C SER A 21 -12.39 -5.12 -1.05
N ARG A 22 -12.19 -4.04 -1.82
CA ARG A 22 -12.36 -4.09 -3.26
C ARG A 22 -11.36 -5.04 -3.90
N LEU A 23 -10.08 -4.69 -3.86
CA LEU A 23 -9.04 -5.52 -4.42
C LEU A 23 -8.98 -6.88 -3.75
N GLN A 24 -9.14 -6.88 -2.43
CA GLN A 24 -9.19 -8.13 -1.66
C GLN A 24 -10.19 -9.11 -2.26
N GLU A 25 -11.37 -8.60 -2.59
CA GLU A 25 -12.42 -9.44 -3.18
C GLU A 25 -11.97 -10.03 -4.50
N TYR A 26 -11.35 -9.20 -5.34
CA TYR A 26 -10.82 -9.67 -6.61
C TYR A 26 -9.75 -10.75 -6.41
N ALA A 27 -8.88 -10.53 -5.43
CA ALA A 27 -7.82 -11.47 -5.13
C ALA A 27 -8.37 -12.84 -4.76
N GLN A 28 -9.44 -12.83 -3.96
CA GLN A 28 -10.10 -14.07 -3.56
C GLN A 28 -10.70 -14.79 -4.76
N LYS A 29 -11.34 -14.02 -5.64
CA LYS A 29 -11.92 -14.57 -6.85
C LYS A 29 -10.84 -15.14 -7.78
N TYR A 30 -9.65 -14.56 -7.70
CA TYR A 30 -8.54 -15.01 -8.54
C TYR A 30 -7.73 -16.09 -7.84
N LYS A 31 -8.14 -16.45 -6.63
CA LYS A 31 -7.39 -17.40 -5.83
C LYS A 31 -5.95 -16.97 -5.64
N LEU A 32 -5.73 -15.66 -5.57
CA LEU A 32 -4.40 -15.11 -5.36
C LEU A 32 -4.29 -14.44 -4.00
N PRO A 33 -3.07 -14.43 -3.45
CA PRO A 33 -2.82 -13.78 -2.16
C PRO A 33 -3.24 -12.32 -2.21
N THR A 34 -3.69 -11.81 -1.05
CA THR A 34 -4.12 -10.43 -0.95
C THR A 34 -2.93 -9.49 -0.78
N PRO A 35 -3.11 -8.23 -1.18
CA PRO A 35 -2.05 -7.24 -1.10
C PRO A 35 -1.63 -7.01 0.35
N VAL A 36 -0.32 -7.04 0.59
CA VAL A 36 0.22 -6.79 1.93
C VAL A 36 0.92 -5.45 1.98
N TYR A 37 0.55 -4.63 2.96
CA TYR A 37 1.07 -3.27 3.08
C TYR A 37 2.16 -3.19 4.13
N GLU A 38 3.15 -2.35 3.89
CA GLU A 38 4.23 -2.12 4.86
C GLU A 38 4.52 -0.64 5.02
N ILE A 39 4.89 -0.24 6.22
CA ILE A 39 5.21 1.16 6.51
C ILE A 39 6.64 1.31 7.01
N VAL A 40 7.40 2.19 6.36
CA VAL A 40 8.80 2.40 6.72
C VAL A 40 9.03 3.81 7.24
N LYS A 41 9.60 3.91 8.43
CA LYS A 41 9.93 5.20 9.03
C LYS A 41 11.37 5.59 8.73
N GLU A 42 11.55 6.79 8.19
CA GLU A 42 12.88 7.29 7.86
C GLU A 42 13.06 8.73 8.36
N GLY A 43 14.31 9.15 8.46
CA GLY A 43 14.63 10.53 8.83
C GLY A 43 14.91 10.65 10.32
N PRO A 44 15.29 11.85 10.74
CA PRO A 44 15.63 12.10 12.14
C PRO A 44 14.38 12.11 13.02
N SER A 45 14.55 11.76 14.29
CA SER A 45 13.43 11.67 15.22
C SER A 45 12.64 12.97 15.23
N HIS A 46 13.34 14.09 15.18
CA HIS A 46 12.73 15.41 15.31
C HIS A 46 12.05 15.83 14.00
N LYS A 47 12.32 15.08 12.95
CA LYS A 47 11.77 15.39 11.63
C LYS A 47 11.65 14.14 10.76
N SER A 48 10.97 13.13 11.29
CA SER A 48 10.83 11.86 10.60
C SER A 48 9.70 11.88 9.57
N LEU A 49 9.83 11.09 8.52
CA LEU A 49 8.76 10.93 7.55
C LEU A 49 8.51 9.46 7.24
N PHE A 50 7.25 9.13 6.94
CA PHE A 50 6.87 7.75 6.66
C PHE A 50 6.73 7.52 5.16
N GLN A 51 6.94 6.28 4.74
CA GLN A 51 6.64 5.87 3.37
C GLN A 51 6.06 4.46 3.32
N SER A 52 4.98 4.31 2.56
CA SER A 52 4.24 3.05 2.54
C SER A 52 4.45 2.32 1.21
N THR A 53 4.34 1.00 1.25
CA THR A 53 4.43 0.18 0.05
C THR A 53 3.48 -1.01 0.12
N VAL A 54 2.97 -1.44 -1.03
CA VAL A 54 2.07 -2.57 -1.09
C VAL A 54 2.61 -3.65 -2.03
N ILE A 55 2.79 -4.86 -1.49
CA ILE A 55 3.28 -5.98 -2.28
C ILE A 55 2.14 -6.93 -2.64
N LEU A 56 1.95 -7.15 -3.94
CA LEU A 56 0.88 -8.01 -4.41
C LEU A 56 1.37 -8.92 -5.53
N ASP A 57 1.16 -10.23 -5.36
CA ASP A 57 1.60 -11.20 -6.35
C ASP A 57 3.10 -11.08 -6.61
N GLY A 58 3.85 -10.71 -5.57
CA GLY A 58 5.30 -10.64 -5.66
C GLY A 58 5.75 -9.32 -6.30
N VAL A 59 4.78 -8.47 -6.62
CA VAL A 59 5.08 -7.18 -7.24
C VAL A 59 4.95 -6.04 -6.23
N ARG A 60 6.07 -5.40 -5.93
CA ARG A 60 6.10 -4.33 -4.94
C ARG A 60 5.70 -3.00 -5.55
N TYR A 61 4.74 -2.33 -4.92
CA TYR A 61 4.31 -1.00 -5.35
C TYR A 61 4.66 0.05 -4.30
N ASN A 62 5.69 0.84 -4.57
CA ASN A 62 6.17 1.82 -3.61
C ASN A 62 5.50 3.18 -3.81
N SER A 63 4.90 3.70 -2.74
CA SER A 63 4.26 5.01 -2.79
C SER A 63 5.28 6.12 -2.54
N LEU A 64 4.81 7.36 -2.64
CA LEU A 64 5.66 8.53 -2.39
C LEU A 64 5.86 8.75 -0.89
N PRO A 65 7.08 9.09 -0.51
CA PRO A 65 7.40 9.32 0.89
C PRO A 65 6.97 10.71 1.34
N GLY A 66 6.84 10.89 2.65
CA GLY A 66 6.56 12.21 3.21
C GLY A 66 5.28 12.18 4.05
N PHE A 67 4.89 10.98 4.48
CA PHE A 67 3.71 10.83 5.33
C PHE A 67 4.02 11.22 6.77
N PHE A 68 3.06 11.87 7.41
CA PHE A 68 3.25 12.36 8.77
C PHE A 68 2.62 11.43 9.79
N ASN A 69 1.81 10.49 9.30
CA ASN A 69 1.18 9.50 10.17
C ASN A 69 1.22 8.12 9.54
N ARG A 70 1.30 7.09 10.39
CA ARG A 70 1.26 5.71 9.91
C ARG A 70 -0.10 5.37 9.33
N LYS A 71 -1.15 5.86 9.96
CA LYS A 71 -2.51 5.64 9.48
C LYS A 71 -2.72 6.31 8.12
N ALA A 72 -2.17 7.51 7.97
CA ALA A 72 -2.24 8.22 6.70
C ALA A 72 -1.49 7.47 5.60
N ALA A 73 -0.32 6.95 5.95
CA ALA A 73 0.47 6.16 5.01
C ALA A 73 -0.26 4.90 4.59
N GLU A 74 -0.92 4.26 5.56
CA GLU A 74 -1.68 3.04 5.29
C GLU A 74 -2.84 3.31 4.34
N GLN A 75 -3.58 4.38 4.60
CA GLN A 75 -4.72 4.74 3.78
C GLN A 75 -4.31 5.00 2.34
N SER A 76 -3.24 5.78 2.17
CA SER A 76 -2.73 6.11 0.85
C SER A 76 -2.19 4.87 0.14
N ALA A 77 -1.59 3.97 0.91
CA ALA A 77 -1.09 2.71 0.37
C ALA A 77 -2.22 1.91 -0.26
N ALA A 78 -3.36 1.87 0.40
CA ALA A 78 -4.54 1.19 -0.12
C ALA A 78 -5.05 1.88 -1.38
N GLU A 79 -5.07 3.20 -1.37
CA GLU A 79 -5.51 3.98 -2.52
C GLU A 79 -4.66 3.69 -3.74
N VAL A 80 -3.34 3.59 -3.54
CA VAL A 80 -2.42 3.30 -4.62
C VAL A 80 -2.62 1.88 -5.15
N ALA A 81 -2.83 0.94 -4.23
CA ALA A 81 -3.08 -0.45 -4.60
C ALA A 81 -4.33 -0.56 -5.46
N LEU A 82 -5.35 0.23 -5.14
CA LEU A 82 -6.59 0.25 -5.91
C LEU A 82 -6.36 0.89 -7.28
N ARG A 83 -5.48 1.87 -7.33
CA ARG A 83 -5.08 2.48 -8.59
C ARG A 83 -4.38 1.48 -9.50
N GLU A 84 -3.62 0.58 -8.89
CA GLU A 84 -2.97 -0.50 -9.63
C GLU A 84 -3.97 -1.55 -10.09
N LEU A 85 -4.96 -1.81 -9.24
CA LEU A 85 -6.08 -2.67 -9.62
C LEU A 85 -6.78 -2.15 -10.86
N ALA A 86 -7.09 -0.86 -10.87
CA ALA A 86 -7.71 -0.23 -12.03
C ALA A 86 -6.79 -0.30 -13.24
N LYS A 87 -5.51 -0.06 -13.03
CA LYS A 87 -4.53 -0.10 -14.10
C LYS A 87 -4.50 -1.47 -14.77
N SER A 88 -4.62 -2.52 -13.96
CA SER A 88 -4.56 -3.89 -14.47
C SER A 88 -5.93 -4.38 -14.88
N SER A 89 -6.95 -3.58 -14.62
CA SER A 89 -8.32 -3.93 -14.96
C SER A 89 -8.57 -3.80 -16.45
#